data_9K1H
#
_entry.id   9K1H
#
loop_
_entity.id
_entity.type
_entity.pdbx_description
1 polymer 'Fragment antigen binding heavy chain'
2 polymer 'Fragment antigen binding light chain'
3 polymer 'Sodium- and chloride-dependent taurine transporter'
4 non-polymer 'CHLORIDE ION'
5 non-polymer 'piperidine-4-sulfonic acid'
#
loop_
_entity_poly.entity_id
_entity_poly.type
_entity_poly.pdbx_seq_one_letter_code
_entity_poly.pdbx_strand_id
1 'polypeptide(L)'
;EVQLVESGGGLVKPGGSLKLSCAASGFTFSSYAMSWVRQSPEKRLEWVAEISSGGRYIYYSDTVTGRFTISRDNARNILH
LEMSSLRSEDTAMYYCARGEVRQRGFDYWGQGTTLTVS
;
H
2 'polypeptide(L)'
;ENVLTQSPAIMSTSPGEKVTMTCRASSSVGSSYLHWYQQKSGASPKLWIYSTSNLASGVPARFSGSGSGTSYSLTISSVE
AEDAATYYCQQFSGYPLTFGSGTKLEMGSDEVDAGSHHHHHHHHHHGSVEDYKDDDDK
;
L
3 'polypeptide(L)'
;MATKEKLQCLKDFHKDILKPSPGKSPGTRPEDEAEGKPPQREKWSSKIDFVLSVAGGFVGLGNVWRFPYLCYKNGGGAFL
IPYFIFLFGSGLPVFFLEIIIGQYTSEGGITCWEKICPLFSGIGYASVVIVSLLNVYYIVILAWATYYLFQSFQKELPWA
HCNHSWNTPHCMEDTMRKNKSVWITISSTNFTSPVIEFWERNVLSLSPGIDHPGSLKWDLALCLLLVWLVCFFCIWKGVR
STGKVVYFTATFPFAMLLVLLVRGLTLPGAGAGIKFYLYPDITRLEDPQVWIDAGTQIFFSYAICLGAMTSLGSYNKYHN
NVYRDCMLLGCLNSGTSFVSGFAIFSILGFMAQEQGVDIADVAESGPGLAFIAYPKAVTMMPLPTFWSILFFIMLLLLGL
DSQFVEVEGQITSLVDLYPSFLRKGYRREIFIAFVCSISYLLGLTMVTEGGMYVFQLFDYYAASGVCLLWVAFFECFVIA
WIYGGNRFSEDIRDMIGFPPGPWMKYSWAVITPVLCVGCFIFSLVKYVPLTYNKTYVYPNWAIGLGWSLALSSMLCVPLV
IVIRLCQTEGPFLVRVKYLLTPREPNRWAVEREGATPYNSRTVMNGALVKPTHIIVETMMGSDEVDAGSHHHHHHHHHHG
SVEDYKDDDDK
;
A
#
loop_
_chem_comp.id
_chem_comp.type
_chem_comp.name
_chem_comp.formula
A1EBD non-polymer 'piperidine-4-sulfonic acid' 'C5 H11 N O3 S'
CL non-polymer 'CHLORIDE ION' 'Cl -1'
#
# COMPACT_ATOMS: atom_id res chain seq x y z
N GLU A 1 -5.30 -22.36 23.94
CA GLU A 1 -3.86 -22.53 24.04
C GLU A 1 -3.48 -23.28 25.31
N VAL A 2 -3.86 -24.55 25.41
CA VAL A 2 -3.65 -25.31 26.65
C VAL A 2 -2.89 -26.60 26.40
N GLN A 3 -3.44 -27.48 25.57
CA GLN A 3 -3.08 -28.89 25.60
C GLN A 3 -2.77 -29.42 24.21
N LEU A 4 -1.67 -30.18 24.12
CA LEU A 4 -1.32 -30.95 22.93
C LEU A 4 -0.77 -32.30 23.39
N VAL A 5 -1.26 -33.38 22.79
CA VAL A 5 -0.88 -34.73 23.18
C VAL A 5 -0.58 -35.54 21.93
N GLU A 6 0.56 -36.23 21.94
CA GLU A 6 0.92 -37.16 20.87
C GLU A 6 0.51 -38.58 21.24
N SER A 7 0.41 -39.43 20.21
CA SER A 7 0.05 -40.82 20.40
C SER A 7 0.50 -41.62 19.18
N GLY A 8 0.54 -42.94 19.34
CA GLY A 8 0.88 -43.84 18.26
C GLY A 8 2.31 -44.33 18.24
N GLY A 9 3.13 -43.95 19.21
CA GLY A 9 4.50 -44.41 19.24
C GLY A 9 4.60 -45.88 19.60
N GLY A 10 5.66 -46.52 19.14
CA GLY A 10 5.86 -47.93 19.41
C GLY A 10 7.09 -48.45 18.69
N LEU A 11 7.27 -49.77 18.81
CA LEU A 11 8.41 -50.45 18.22
C LEU A 11 8.02 -51.06 16.88
N VAL A 12 8.85 -50.80 15.86
CA VAL A 12 8.66 -51.36 14.52
C VAL A 12 10.01 -51.87 14.01
N LYS A 13 9.96 -52.64 12.93
CA LYS A 13 11.16 -53.12 12.28
C LYS A 13 11.68 -52.08 11.29
N PRO A 14 12.99 -52.10 11.00
CA PRO A 14 13.53 -51.17 9.99
C PRO A 14 12.85 -51.38 8.64
N GLY A 15 12.60 -50.26 7.96
CA GLY A 15 11.88 -50.29 6.70
C GLY A 15 10.38 -50.42 6.82
N GLY A 16 9.84 -50.42 8.04
CA GLY A 16 8.42 -50.55 8.24
C GLY A 16 7.69 -49.21 8.12
N SER A 17 6.42 -49.23 8.52
CA SER A 17 5.57 -48.05 8.44
C SER A 17 4.87 -47.83 9.78
N LEU A 18 4.67 -46.57 10.12
CA LEU A 18 3.99 -46.20 11.36
C LEU A 18 3.33 -44.85 11.17
N LYS A 19 2.19 -44.67 11.81
CA LYS A 19 1.45 -43.41 11.77
C LYS A 19 1.40 -42.82 13.17
N LEU A 20 1.74 -41.54 13.28
CA LEU A 20 1.75 -40.82 14.55
C LEU A 20 0.63 -39.81 14.57
N SER A 21 -0.04 -39.71 15.72
CA SER A 21 -1.18 -38.81 15.90
C SER A 21 -0.85 -37.77 16.96
N CYS A 22 -1.43 -36.58 16.80
CA CYS A 22 -1.24 -35.48 17.75
C CYS A 22 -2.58 -34.77 17.93
N ALA A 23 -3.21 -35.02 19.07
CA ALA A 23 -4.48 -34.36 19.38
C ALA A 23 -4.24 -32.94 19.87
N ALA A 24 -5.20 -32.06 19.59
CA ALA A 24 -5.12 -30.66 19.95
C ALA A 24 -6.38 -30.25 20.71
N SER A 25 -6.20 -29.39 21.71
CA SER A 25 -7.33 -28.89 22.49
C SER A 25 -6.96 -27.54 23.08
N GLY A 26 -7.98 -26.79 23.48
CA GLY A 26 -7.80 -25.49 24.08
C GLY A 26 -7.63 -24.35 23.09
N PHE A 27 -7.65 -24.62 21.80
CA PHE A 27 -7.49 -23.57 20.79
C PHE A 27 -8.10 -24.06 19.48
N THR A 28 -8.37 -23.10 18.59
CA THR A 28 -8.91 -23.40 17.27
C THR A 28 -7.82 -24.02 16.41
N PHE A 29 -7.86 -25.35 16.26
CA PHE A 29 -6.81 -26.06 15.56
C PHE A 29 -6.73 -25.65 14.09
N SER A 30 -7.84 -25.25 13.49
CA SER A 30 -7.87 -24.92 12.07
C SER A 30 -7.23 -23.57 11.75
N SER A 31 -6.94 -22.75 12.75
CA SER A 31 -6.42 -21.41 12.52
C SER A 31 -4.92 -21.29 12.76
N TYR A 32 -4.24 -22.40 13.08
CA TYR A 32 -2.81 -22.37 13.38
C TYR A 32 -2.09 -23.45 12.60
N ALA A 33 -0.92 -23.11 12.07
CA ALA A 33 -0.06 -24.09 11.42
C ALA A 33 0.58 -25.01 12.45
N MET A 34 0.82 -26.25 12.05
CA MET A 34 1.39 -27.27 12.91
C MET A 34 2.68 -27.80 12.31
N SER A 35 3.65 -28.08 13.18
CA SER A 35 4.96 -28.57 12.76
C SER A 35 5.38 -29.73 13.65
N TRP A 36 6.12 -30.68 13.06
CA TRP A 36 6.66 -31.82 13.79
C TRP A 36 8.16 -31.62 13.99
N VAL A 37 8.62 -31.78 15.22
CA VAL A 37 10.03 -31.63 15.59
C VAL A 37 10.50 -32.93 16.22
N ARG A 38 11.71 -33.35 15.88
CA ARG A 38 12.24 -34.65 16.25
C ARG A 38 13.49 -34.49 17.11
N GLN A 39 13.58 -35.28 18.18
CA GLN A 39 14.70 -35.25 19.11
C GLN A 39 15.34 -36.64 19.12
N SER A 40 16.57 -36.73 18.61
CA SER A 40 17.29 -37.99 18.56
C SER A 40 17.72 -38.40 19.96
N PRO A 41 18.09 -39.69 20.15
CA PRO A 41 18.58 -40.11 21.47
C PRO A 41 19.78 -39.33 21.96
N GLU A 42 20.53 -38.71 21.06
CA GLU A 42 21.61 -37.80 21.46
C GLU A 42 21.10 -36.43 21.89
N LYS A 43 19.78 -36.25 21.97
CA LYS A 43 19.10 -35.04 22.44
C LYS A 43 19.16 -33.91 21.42
N ARG A 44 19.65 -34.15 20.21
CA ARG A 44 19.72 -33.11 19.19
C ARG A 44 18.36 -32.94 18.52
N LEU A 45 17.89 -31.70 18.47
CA LEU A 45 16.60 -31.40 17.86
C LEU A 45 16.73 -31.29 16.34
N GLU A 46 15.81 -31.92 15.61
CA GLU A 46 15.77 -31.83 14.16
C GLU A 46 14.33 -31.63 13.70
N TRP A 47 14.13 -30.64 12.84
CA TRP A 47 12.81 -30.37 12.29
C TRP A 47 12.47 -31.41 11.22
N VAL A 48 11.18 -31.73 11.13
CA VAL A 48 10.73 -32.81 10.25
C VAL A 48 9.84 -32.27 9.14
N ALA A 49 8.71 -31.69 9.51
CA ALA A 49 7.72 -31.27 8.52
C ALA A 49 6.81 -30.22 9.11
N GLU A 50 6.25 -29.40 8.24
CA GLU A 50 5.29 -28.37 8.61
C GLU A 50 4.08 -28.44 7.69
N ILE A 51 2.88 -28.29 8.28
CA ILE A 51 1.64 -28.21 7.52
C ILE A 51 0.95 -26.91 7.89
N SER A 52 0.50 -26.18 6.87
CA SER A 52 -0.16 -24.89 7.11
C SER A 52 -1.51 -25.11 7.79
N SER A 53 -2.16 -23.99 8.13
CA SER A 53 -3.43 -24.07 8.85
C SER A 53 -4.49 -24.80 8.04
N GLY A 54 -4.60 -24.50 6.75
CA GLY A 54 -5.51 -25.19 5.88
C GLY A 54 -4.95 -26.39 5.15
N GLY A 55 -3.67 -26.69 5.34
CA GLY A 55 -3.05 -27.83 4.69
C GLY A 55 -2.67 -27.62 3.24
N ARG A 56 -2.75 -26.40 2.73
CA ARG A 56 -2.41 -26.16 1.33
C ARG A 56 -0.90 -26.05 1.11
N TYR A 57 -0.16 -25.60 2.12
CA TYR A 57 1.28 -25.46 2.02
C TYR A 57 1.95 -26.46 2.97
N ILE A 58 2.86 -27.27 2.43
CA ILE A 58 3.53 -28.32 3.17
C ILE A 58 5.03 -28.24 2.89
N TYR A 59 5.83 -28.39 3.95
CA TYR A 59 7.28 -28.37 3.85
C TYR A 59 7.84 -29.58 4.57
N TYR A 60 8.95 -30.11 4.05
CA TYR A 60 9.60 -31.29 4.61
C TYR A 60 11.09 -31.02 4.79
N SER A 61 11.66 -31.65 5.82
CA SER A 61 13.11 -31.68 5.95
C SER A 61 13.71 -32.50 4.82
N ASP A 62 14.92 -32.12 4.41
CA ASP A 62 15.57 -32.78 3.28
C ASP A 62 15.78 -34.27 3.51
N THR A 63 15.85 -34.73 4.76
CA THR A 63 16.10 -36.13 5.05
C THR A 63 14.85 -36.99 5.13
N VAL A 64 13.66 -36.38 5.14
CA VAL A 64 12.42 -37.13 5.29
C VAL A 64 11.43 -36.75 4.18
N THR A 65 11.92 -36.03 3.18
CA THR A 65 11.04 -35.52 2.13
C THR A 65 10.42 -36.66 1.31
N GLY A 66 11.19 -37.70 1.03
CA GLY A 66 10.72 -38.80 0.20
C GLY A 66 10.02 -39.93 0.92
N ARG A 67 9.99 -39.91 2.25
CA ARG A 67 9.44 -41.01 3.03
C ARG A 67 8.36 -40.61 4.02
N PHE A 68 8.28 -39.34 4.40
CA PHE A 68 7.32 -38.88 5.41
C PHE A 68 6.22 -38.06 4.76
N THR A 69 5.00 -38.24 5.24
CA THR A 69 3.84 -37.49 4.78
C THR A 69 3.10 -36.93 5.99
N ILE A 70 2.82 -35.63 5.97
CA ILE A 70 2.14 -34.94 7.05
C ILE A 70 0.74 -34.56 6.60
N SER A 71 -0.23 -34.76 7.48
CA SER A 71 -1.62 -34.44 7.18
C SER A 71 -2.30 -34.00 8.47
N ARG A 72 -3.43 -33.30 8.31
CA ARG A 72 -4.19 -32.81 9.45
C ARG A 72 -5.68 -33.02 9.21
N ASP A 73 -6.43 -33.06 10.30
CA ASP A 73 -7.89 -33.18 10.28
C ASP A 73 -8.43 -31.96 11.03
N ASN A 74 -8.75 -30.90 10.28
CA ASN A 74 -9.24 -29.68 10.90
C ASN A 74 -10.56 -29.90 11.63
N ALA A 75 -11.46 -30.68 11.04
CA ALA A 75 -12.73 -30.98 11.69
C ALA A 75 -12.51 -31.77 12.98
N ARG A 76 -11.62 -32.76 12.94
CA ARG A 76 -11.34 -33.58 14.11
C ARG A 76 -10.32 -32.94 15.05
N ASN A 77 -9.64 -31.88 14.61
CA ASN A 77 -8.63 -31.18 15.42
C ASN A 77 -7.52 -32.14 15.86
N ILE A 78 -7.08 -32.98 14.93
CA ILE A 78 -6.04 -33.98 15.18
C ILE A 78 -5.01 -33.88 14.08
N LEU A 79 -3.72 -33.90 14.47
CA LEU A 79 -2.61 -33.80 13.53
C LEU A 79 -1.95 -35.17 13.38
N HIS A 80 -1.68 -35.55 12.14
CA HIS A 80 -1.16 -36.88 11.82
C HIS A 80 0.13 -36.77 11.04
N LEU A 81 1.10 -37.63 11.37
CA LEU A 81 2.33 -37.77 10.62
C LEU A 81 2.46 -39.22 10.17
N GLU A 82 2.65 -39.43 8.87
CA GLU A 82 2.70 -40.76 8.28
C GLU A 82 4.11 -41.07 7.81
N MET A 83 4.64 -42.21 8.24
CA MET A 83 5.96 -42.67 7.83
C MET A 83 5.82 -43.93 6.99
N SER A 84 6.43 -43.91 5.80
CA SER A 84 6.36 -45.03 4.88
C SER A 84 7.60 -45.91 4.87
N SER A 85 8.75 -45.36 5.24
CA SER A 85 10.00 -46.13 5.27
C SER A 85 10.85 -45.58 6.41
N LEU A 86 10.81 -46.26 7.55
CA LEU A 86 11.54 -45.84 8.74
C LEU A 86 12.94 -46.45 8.72
N ARG A 87 13.96 -45.59 8.65
CA ARG A 87 15.35 -46.03 8.63
C ARG A 87 15.86 -46.18 10.05
N SER A 88 17.12 -46.62 10.19
CA SER A 88 17.72 -46.80 11.50
C SER A 88 17.89 -45.48 12.22
N GLU A 89 18.14 -44.40 11.49
CA GLU A 89 18.34 -43.08 12.09
C GLU A 89 17.04 -42.40 12.48
N ASP A 90 15.89 -42.98 12.12
CA ASP A 90 14.60 -42.38 12.44
C ASP A 90 14.15 -42.60 13.87
N THR A 91 14.81 -43.49 14.62
CA THR A 91 14.42 -43.72 16.00
C THR A 91 14.72 -42.49 16.85
N ALA A 92 13.67 -41.94 17.46
CA ALA A 92 13.76 -40.67 18.18
C ALA A 92 12.45 -40.33 18.87
N MET A 93 12.42 -39.20 19.57
CA MET A 93 11.22 -38.70 20.23
C MET A 93 10.60 -37.60 19.37
N TYR A 94 9.31 -37.74 19.07
CA TYR A 94 8.61 -36.86 18.15
C TYR A 94 7.70 -35.91 18.91
N TYR A 95 7.80 -34.63 18.59
CA TYR A 95 6.93 -33.60 19.17
C TYR A 95 6.15 -32.89 18.07
N CYS A 96 4.89 -32.58 18.35
CA CYS A 96 4.09 -31.73 17.47
C CYS A 96 4.01 -30.34 18.08
N ALA A 97 4.37 -29.33 17.29
CA ALA A 97 4.51 -27.97 17.80
C ALA A 97 3.68 -27.02 16.96
N ARG A 98 3.26 -25.92 17.58
CA ARG A 98 2.42 -24.91 16.95
C ARG A 98 3.30 -23.78 16.42
N GLY A 99 3.29 -23.58 15.11
CA GLY A 99 4.17 -22.64 14.47
C GLY A 99 3.47 -21.64 13.56
N GLU A 100 2.31 -21.16 14.00
CA GLU A 100 1.48 -20.29 13.17
C GLU A 100 2.22 -19.02 12.77
N VAL A 101 2.95 -18.40 13.70
CA VAL A 101 3.69 -17.17 13.43
C VAL A 101 5.16 -17.54 13.33
N ARG A 102 5.76 -17.28 12.16
CA ARG A 102 7.16 -17.61 11.95
C ARG A 102 8.08 -16.67 12.73
N GLN A 103 7.62 -15.45 13.02
CA GLN A 103 8.40 -14.49 13.78
C GLN A 103 8.26 -14.67 15.29
N ARG A 104 7.44 -15.61 15.75
CA ARG A 104 7.24 -15.85 17.17
C ARG A 104 7.71 -17.23 17.63
N GLY A 105 7.95 -18.15 16.72
CA GLY A 105 8.45 -19.47 17.10
C GLY A 105 7.34 -20.44 17.46
N PHE A 106 7.77 -21.58 18.00
CA PHE A 106 6.87 -22.67 18.38
C PHE A 106 6.34 -22.38 19.78
N ASP A 107 5.11 -21.87 19.84
CA ASP A 107 4.54 -21.42 21.11
C ASP A 107 4.40 -22.55 22.11
N TYR A 108 3.86 -23.69 21.67
CA TYR A 108 3.60 -24.81 22.58
C TYR A 108 4.14 -26.10 22.00
N TRP A 109 4.54 -27.00 22.89
CA TRP A 109 5.10 -28.30 22.54
C TRP A 109 4.32 -29.40 23.26
N GLY A 110 4.07 -30.50 22.55
CA GLY A 110 3.35 -31.61 23.11
C GLY A 110 4.21 -32.47 24.02
N GLN A 111 3.57 -33.48 24.62
CA GLN A 111 4.28 -34.39 25.51
C GLN A 111 5.34 -35.19 24.77
N GLY A 112 5.02 -35.66 23.57
CA GLY A 112 5.97 -36.39 22.77
C GLY A 112 5.76 -37.90 22.85
N THR A 113 6.15 -38.59 21.79
CA THR A 113 6.06 -40.04 21.71
C THR A 113 7.36 -40.60 21.15
N THR A 114 7.82 -41.71 21.74
CA THR A 114 9.08 -42.32 21.33
C THR A 114 8.84 -43.32 20.20
N LEU A 115 9.86 -43.44 19.33
CA LEU A 115 9.83 -44.40 18.23
C LEU A 115 11.16 -45.15 18.22
N THR A 116 11.09 -46.47 18.12
CA THR A 116 12.27 -47.32 18.13
C THR A 116 12.21 -48.29 16.96
N VAL A 117 13.38 -48.68 16.47
CA VAL A 117 13.53 -49.64 15.38
C VAL A 117 14.47 -50.75 15.83
N SER A 118 14.13 -51.98 15.49
CA SER A 118 14.95 -53.13 15.89
C SER A 118 14.88 -54.24 14.84
N GLU B 1 20.94 -26.03 3.44
CA GLU B 1 20.46 -26.01 4.82
C GLU B 1 21.34 -25.10 5.68
N ASN B 2 20.73 -24.09 6.28
CA ASN B 2 21.44 -23.13 7.14
C ASN B 2 21.75 -23.81 8.46
N VAL B 3 22.96 -24.35 8.59
CA VAL B 3 23.36 -25.04 9.81
C VAL B 3 23.65 -24.03 10.90
N LEU B 4 23.02 -24.22 12.06
CA LEU B 4 23.28 -23.41 13.23
C LEU B 4 24.20 -24.15 14.20
N THR B 5 24.89 -23.37 15.04
CA THR B 5 25.80 -23.93 16.03
C THR B 5 25.82 -23.04 17.25
N GLN B 6 26.13 -23.63 18.40
CA GLN B 6 26.22 -22.91 19.66
C GLN B 6 27.53 -23.29 20.35
N SER B 7 28.23 -22.27 20.86
CA SER B 7 29.59 -22.50 21.35
C SER B 7 29.61 -23.28 22.66
N PRO B 8 29.05 -22.77 23.78
CA PRO B 8 29.28 -23.48 25.06
C PRO B 8 28.40 -24.71 25.24
N ALA B 9 28.82 -25.80 24.60
CA ALA B 9 28.04 -27.04 24.63
C ALA B 9 27.80 -27.52 26.06
N ILE B 10 28.83 -27.48 26.89
CA ILE B 10 28.71 -27.77 28.32
C ILE B 10 29.25 -26.56 29.08
N MET B 11 28.46 -26.04 30.01
CA MET B 11 28.79 -24.82 30.74
C MET B 11 28.54 -25.04 32.23
N SER B 12 29.61 -25.36 32.96
CA SER B 12 29.53 -25.42 34.41
C SER B 12 29.22 -24.04 34.97
N THR B 13 28.29 -23.98 35.91
CA THR B 13 27.79 -22.71 36.40
C THR B 13 27.52 -22.81 37.90
N SER B 14 27.60 -21.67 38.58
CA SER B 14 27.32 -21.55 40.00
C SER B 14 26.24 -20.51 40.22
N PRO B 15 25.42 -20.67 41.26
CA PRO B 15 24.31 -19.73 41.48
C PRO B 15 24.80 -18.31 41.70
N GLY B 16 24.03 -17.35 41.22
CA GLY B 16 24.31 -15.93 41.37
C GLY B 16 25.13 -15.30 40.26
N GLU B 17 26.07 -16.05 39.69
CA GLU B 17 26.92 -15.50 38.65
C GLU B 17 26.17 -15.34 37.34
N LYS B 18 26.58 -14.35 36.56
CA LYS B 18 25.99 -14.11 35.25
C LYS B 18 26.54 -15.09 34.23
N VAL B 19 25.68 -15.55 33.33
CA VAL B 19 26.05 -16.52 32.31
C VAL B 19 25.59 -15.99 30.95
N THR B 20 26.24 -16.50 29.90
CA THR B 20 25.91 -16.10 28.54
C THR B 20 26.12 -17.29 27.60
N MET B 21 25.38 -17.28 26.50
CA MET B 21 25.48 -18.31 25.48
C MET B 21 25.45 -17.65 24.11
N THR B 22 26.07 -18.32 23.13
CA THR B 22 26.19 -17.78 21.79
C THR B 22 25.61 -18.75 20.77
N CYS B 23 25.03 -18.20 19.70
CA CYS B 23 24.51 -18.98 18.58
C CYS B 23 24.99 -18.36 17.27
N ARG B 24 25.43 -19.22 16.36
CA ARG B 24 25.93 -18.78 15.06
C ARG B 24 25.27 -19.61 13.96
N ALA B 25 25.08 -18.99 12.81
CA ALA B 25 24.43 -19.61 11.67
C ALA B 25 25.32 -19.51 10.44
N SER B 26 25.27 -20.55 9.60
CA SER B 26 26.04 -20.56 8.36
C SER B 26 25.52 -19.53 7.35
N SER B 27 24.29 -19.06 7.52
CA SER B 27 23.72 -18.06 6.62
C SER B 27 23.09 -16.95 7.44
N SER B 28 23.01 -15.76 6.84
CA SER B 28 22.50 -14.58 7.53
C SER B 28 21.01 -14.76 7.82
N VAL B 29 20.67 -14.91 9.10
CA VAL B 29 19.28 -15.03 9.52
C VAL B 29 18.74 -13.66 9.87
N GLY B 30 17.48 -13.41 9.53
CA GLY B 30 16.84 -12.18 9.96
C GLY B 30 16.66 -12.14 11.45
N SER B 31 16.70 -10.91 12.01
CA SER B 31 16.59 -10.74 13.45
C SER B 31 15.25 -11.22 13.98
N SER B 32 14.20 -11.16 13.16
CA SER B 32 12.87 -11.56 13.58
C SER B 32 12.61 -13.06 13.45
N TYR B 33 13.52 -13.81 12.83
CA TYR B 33 13.30 -15.22 12.55
C TYR B 33 14.19 -16.13 13.39
N LEU B 34 14.71 -15.64 14.51
CA LEU B 34 15.52 -16.44 15.41
C LEU B 34 14.86 -16.52 16.78
N HIS B 35 14.80 -17.72 17.34
CA HIS B 35 14.13 -17.95 18.61
C HIS B 35 14.97 -18.89 19.47
N TRP B 36 14.78 -18.78 20.78
CA TRP B 36 15.47 -19.61 21.76
C TRP B 36 14.45 -20.43 22.55
N TYR B 37 14.76 -21.71 22.76
CA TYR B 37 13.89 -22.64 23.45
C TYR B 37 14.60 -23.23 24.66
N GLN B 38 13.90 -23.34 25.77
CA GLN B 38 14.41 -24.00 26.96
C GLN B 38 13.81 -25.40 27.08
N GLN B 39 14.63 -26.36 27.47
CA GLN B 39 14.19 -27.75 27.64
C GLN B 39 14.78 -28.30 28.93
N LYS B 40 13.95 -28.45 29.94
CA LYS B 40 14.38 -29.10 31.17
C LYS B 40 14.52 -30.60 30.94
N SER B 41 15.43 -31.22 31.69
CA SER B 41 15.67 -32.65 31.56
C SER B 41 14.40 -33.43 31.84
N GLY B 42 14.04 -34.32 30.91
CA GLY B 42 12.84 -35.11 31.05
C GLY B 42 11.55 -34.40 30.69
N ALA B 43 11.63 -33.21 30.08
CA ALA B 43 10.45 -32.43 29.73
C ALA B 43 10.58 -31.89 28.32
N SER B 44 9.44 -31.57 27.72
CA SER B 44 9.42 -31.04 26.37
C SER B 44 9.98 -29.61 26.35
N PRO B 45 10.53 -29.20 25.22
CA PRO B 45 11.06 -27.83 25.13
C PRO B 45 9.96 -26.79 25.22
N LYS B 46 10.34 -25.60 25.70
CA LYS B 46 9.43 -24.48 25.86
C LYS B 46 10.03 -23.24 25.21
N LEU B 47 9.17 -22.46 24.56
CA LEU B 47 9.62 -21.20 23.95
C LEU B 47 10.13 -20.26 25.02
N TRP B 48 11.29 -19.67 24.79
CA TRP B 48 11.95 -18.81 25.77
C TRP B 48 12.14 -17.38 25.27
N ILE B 49 12.74 -17.19 24.11
CA ILE B 49 12.92 -15.87 23.52
C ILE B 49 12.56 -15.94 22.04
N TYR B 50 11.84 -14.93 21.55
CA TYR B 50 11.49 -14.83 20.14
C TYR B 50 11.82 -13.43 19.64
N SER B 51 12.07 -13.33 18.33
CA SER B 51 12.49 -12.10 17.67
C SER B 51 13.80 -11.56 18.25
N THR B 52 14.60 -12.45 18.86
CA THR B 52 15.95 -12.20 19.33
C THR B 52 16.01 -11.30 20.57
N SER B 53 14.88 -10.68 20.93
CA SER B 53 14.87 -9.84 22.13
C SER B 53 13.62 -9.98 22.99
N ASN B 54 12.54 -10.57 22.50
CA ASN B 54 11.27 -10.58 23.22
C ASN B 54 11.18 -11.85 24.07
N LEU B 55 11.09 -11.66 25.39
CA LEU B 55 10.94 -12.78 26.30
C LEU B 55 9.56 -13.39 26.17
N ALA B 56 9.51 -14.73 26.27
CA ALA B 56 8.25 -15.45 26.22
C ALA B 56 7.44 -15.19 27.50
N SER B 57 6.28 -15.85 27.58
CA SER B 57 5.37 -15.62 28.70
C SER B 57 5.96 -16.06 30.04
N GLY B 58 6.55 -17.25 30.09
CA GLY B 58 6.95 -17.84 31.34
C GLY B 58 8.36 -17.56 31.79
N VAL B 59 9.21 -17.10 30.88
CA VAL B 59 10.62 -16.82 31.21
C VAL B 59 10.70 -15.64 32.17
N PRO B 60 11.51 -15.70 33.22
CA PRO B 60 11.68 -14.53 34.09
C PRO B 60 12.47 -13.43 33.40
N ALA B 61 12.32 -12.22 33.94
CA ALA B 61 12.92 -11.04 33.34
C ALA B 61 14.45 -11.07 33.35
N ARG B 62 15.05 -11.97 34.14
CA ARG B 62 16.51 -12.04 34.22
C ARG B 62 17.15 -12.43 32.89
N PHE B 63 16.40 -13.04 31.98
CA PHE B 63 16.95 -13.45 30.69
C PHE B 63 16.93 -12.29 29.71
N SER B 64 17.85 -12.35 28.74
CA SER B 64 17.94 -11.34 27.69
C SER B 64 18.63 -11.96 26.49
N GLY B 65 18.49 -11.31 25.34
CA GLY B 65 19.10 -11.79 24.12
C GLY B 65 19.36 -10.66 23.15
N SER B 66 20.37 -10.84 22.31
CA SER B 66 20.71 -9.85 21.30
C SER B 66 21.51 -10.54 20.19
N GLY B 67 21.57 -9.89 19.05
CA GLY B 67 22.33 -10.40 17.93
C GLY B 67 21.75 -9.94 16.61
N SER B 68 22.51 -10.18 15.55
CA SER B 68 22.10 -9.82 14.20
C SER B 68 22.97 -10.56 13.20
N GLY B 69 22.48 -10.61 11.97
CA GLY B 69 23.24 -11.26 10.90
C GLY B 69 23.38 -12.75 11.13
N THR B 70 24.61 -13.21 11.30
CA THR B 70 24.91 -14.62 11.50
C THR B 70 25.46 -14.92 12.89
N SER B 71 25.45 -13.94 13.79
CA SER B 71 25.94 -14.12 15.15
C SER B 71 24.88 -13.66 16.13
N TYR B 72 24.55 -14.50 17.10
CA TYR B 72 23.51 -14.20 18.07
C TYR B 72 23.94 -14.72 19.44
N SER B 73 23.31 -14.18 20.48
CA SER B 73 23.69 -14.55 21.83
C SER B 73 22.49 -14.44 22.76
N LEU B 74 22.58 -15.15 23.89
CA LEU B 74 21.60 -15.10 24.96
C LEU B 74 22.34 -14.94 26.28
N THR B 75 21.75 -14.17 27.20
CA THR B 75 22.41 -13.85 28.45
C THR B 75 21.46 -14.02 29.62
N ILE B 76 22.02 -14.25 30.79
CA ILE B 76 21.28 -14.37 32.04
C ILE B 76 21.86 -13.37 33.04
N SER B 77 20.99 -12.56 33.64
CA SER B 77 21.45 -11.56 34.61
C SER B 77 22.02 -12.23 35.85
N SER B 78 21.29 -13.19 36.41
CA SER B 78 21.75 -13.92 37.59
C SER B 78 21.11 -15.29 37.56
N VAL B 79 21.92 -16.33 37.35
CA VAL B 79 21.38 -17.68 37.21
C VAL B 79 20.89 -18.21 38.55
N GLU B 80 20.13 -19.30 38.49
CA GLU B 80 19.61 -19.97 39.67
C GLU B 80 19.50 -21.45 39.37
N ALA B 81 19.28 -22.24 40.43
CA ALA B 81 19.14 -23.68 40.27
C ALA B 81 17.99 -24.03 39.33
N GLU B 82 16.95 -23.20 39.29
CA GLU B 82 15.81 -23.44 38.40
C GLU B 82 16.16 -23.22 36.93
N ASP B 83 17.31 -22.62 36.63
CA ASP B 83 17.70 -22.33 35.26
C ASP B 83 18.55 -23.44 34.63
N ALA B 84 18.75 -24.55 35.34
CA ALA B 84 19.57 -25.66 34.83
C ALA B 84 18.76 -26.41 33.78
N ALA B 85 18.98 -26.07 32.51
CA ALA B 85 18.27 -26.70 31.40
C ALA B 85 19.09 -26.49 30.13
N THR B 86 18.61 -27.08 29.03
CA THR B 86 19.28 -27.00 27.74
C THR B 86 18.56 -25.98 26.86
N TYR B 87 19.34 -25.12 26.20
CA TYR B 87 18.80 -24.03 25.39
C TYR B 87 19.22 -24.22 23.94
N TYR B 88 18.25 -24.11 23.03
CA TYR B 88 18.47 -24.26 21.60
C TYR B 88 18.04 -23.01 20.87
N CYS B 89 18.91 -22.47 20.02
CA CYS B 89 18.51 -21.45 19.08
C CYS B 89 17.94 -22.09 17.81
N GLN B 90 16.99 -21.40 17.19
CA GLN B 90 16.34 -21.91 15.99
C GLN B 90 16.13 -20.77 15.00
N GLN B 91 16.34 -21.05 13.73
CA GLN B 91 16.07 -20.10 12.67
C GLN B 91 14.75 -20.45 11.97
N PHE B 92 13.98 -19.41 11.65
CA PHE B 92 12.68 -19.57 11.01
C PHE B 92 12.61 -18.80 9.68
N SER B 93 13.76 -18.39 9.15
CA SER B 93 13.76 -17.54 7.96
C SER B 93 13.55 -18.34 6.69
N GLY B 94 14.10 -19.55 6.60
CA GLY B 94 14.02 -20.33 5.38
C GLY B 94 14.08 -21.80 5.67
N TYR B 95 13.43 -22.58 4.82
CA TYR B 95 13.36 -24.02 5.00
C TYR B 95 14.56 -24.71 4.34
N PRO B 96 14.98 -25.87 4.87
CA PRO B 96 14.50 -26.56 6.08
C PRO B 96 14.80 -25.81 7.36
N LEU B 97 13.91 -25.85 8.34
CA LEU B 97 14.17 -25.25 9.63
C LEU B 97 15.26 -26.05 10.36
N THR B 98 16.10 -25.32 11.11
CA THR B 98 17.24 -25.93 11.78
C THR B 98 17.30 -25.42 13.22
N PHE B 99 17.79 -26.28 14.11
CA PHE B 99 18.02 -25.94 15.50
C PHE B 99 19.51 -26.00 15.81
N GLY B 100 19.93 -25.18 16.77
CA GLY B 100 21.31 -25.18 17.18
C GLY B 100 21.70 -26.46 17.90
N SER B 101 23.01 -26.60 18.12
CA SER B 101 23.53 -27.79 18.81
C SER B 101 23.01 -27.90 20.23
N GLY B 102 22.67 -26.79 20.87
CA GLY B 102 22.13 -26.82 22.22
C GLY B 102 23.19 -26.70 23.30
N THR B 103 22.92 -25.90 24.32
CA THR B 103 23.80 -25.72 25.46
C THR B 103 23.05 -26.07 26.73
N LYS B 104 23.61 -26.97 27.52
CA LYS B 104 23.02 -27.41 28.78
C LYS B 104 23.82 -26.82 29.93
N LEU B 105 23.13 -26.10 30.82
CA LEU B 105 23.76 -25.54 32.01
C LEU B 105 23.87 -26.64 33.07
N GLU B 106 25.09 -26.88 33.55
CA GLU B 106 25.33 -27.97 34.50
C GLU B 106 24.80 -27.69 35.89
N MET B 107 24.51 -26.43 36.23
CA MET B 107 24.00 -26.08 37.55
C MET B 107 23.47 -24.65 37.55
N LYS C 47 17.53 0.90 7.08
CA LYS C 47 16.26 1.19 6.42
C LYS C 47 16.27 2.57 5.78
N ILE C 48 17.36 3.31 5.91
CA ILE C 48 17.41 4.69 5.40
C ILE C 48 17.20 4.90 3.87
N ASP C 49 17.75 4.02 3.05
CA ASP C 49 17.53 4.17 1.61
C ASP C 49 16.18 3.62 1.22
N PHE C 50 15.66 2.68 2.01
CA PHE C 50 14.33 2.21 1.72
C PHE C 50 13.57 3.46 1.89
N VAL C 51 13.93 4.19 2.92
CA VAL C 51 13.23 5.41 3.22
C VAL C 51 13.28 6.29 2.02
N LEU C 52 14.46 6.66 1.57
CA LEU C 52 14.49 7.61 0.47
C LEU C 52 13.67 7.12 -0.75
N SER C 53 13.72 5.84 -1.07
CA SER C 53 12.94 5.30 -2.20
C SER C 53 11.47 5.52 -2.06
N VAL C 54 10.94 5.03 -0.96
CA VAL C 54 9.48 5.13 -0.89
C VAL C 54 9.06 6.51 -0.43
N ALA C 55 10.04 7.40 -0.21
CA ALA C 55 9.75 8.79 0.16
C ALA C 55 9.55 9.47 -1.16
N GLY C 56 10.42 9.15 -2.10
CA GLY C 56 10.12 9.67 -3.41
C GLY C 56 8.71 9.15 -3.63
N GLY C 57 8.46 7.93 -3.18
CA GLY C 57 7.13 7.35 -3.27
C GLY C 57 5.91 8.10 -2.82
N PHE C 58 5.90 8.62 -1.60
CA PHE C 58 4.62 9.26 -1.15
C PHE C 58 4.41 10.80 -0.90
N VAL C 59 4.51 11.54 -1.99
CA VAL C 59 4.29 12.97 -1.95
C VAL C 59 4.01 13.07 -3.42
N GLY C 60 2.89 13.65 -3.81
CA GLY C 60 2.54 13.62 -5.18
C GLY C 60 1.63 14.72 -5.38
N LEU C 61 1.36 14.96 -6.58
CA LEU C 61 0.40 16.02 -6.84
C LEU C 61 -0.92 15.78 -6.12
N GLY C 62 -1.21 14.52 -5.79
CA GLY C 62 -2.40 14.24 -5.01
C GLY C 62 -2.39 14.94 -3.66
N ASN C 63 -1.34 14.72 -2.88
CA ASN C 63 -1.27 15.30 -1.54
C ASN C 63 -1.19 16.82 -1.59
N VAL C 64 -0.33 17.35 -2.46
CA VAL C 64 -0.10 18.79 -2.48
C VAL C 64 -1.30 19.53 -3.06
N TRP C 65 -1.95 18.95 -4.07
CA TRP C 65 -2.93 19.67 -4.88
C TRP C 65 -4.37 19.20 -4.67
N ARG C 66 -4.63 17.90 -4.78
CA ARG C 66 -6.01 17.41 -4.80
C ARG C 66 -6.66 17.49 -3.44
N PHE C 67 -5.95 17.05 -2.39
CA PHE C 67 -6.52 17.08 -1.05
C PHE C 67 -6.89 18.50 -0.60
N PRO C 68 -6.06 19.53 -0.79
CA PRO C 68 -6.47 20.88 -0.34
C PRO C 68 -7.75 21.38 -0.99
N TYR C 69 -7.90 21.24 -2.31
CA TYR C 69 -9.08 21.82 -2.94
C TYR C 69 -10.32 20.98 -2.67
N LEU C 70 -10.16 19.67 -2.50
CA LEU C 70 -11.30 18.85 -2.09
C LEU C 70 -11.75 19.20 -0.67
N CYS C 71 -10.79 19.44 0.23
CA CYS C 71 -11.15 19.86 1.58
C CYS C 71 -11.83 21.23 1.58
N TYR C 72 -11.31 22.16 0.77
CA TYR C 72 -11.89 23.48 0.66
C TYR C 72 -13.29 23.43 0.06
N LYS C 73 -13.50 22.56 -0.92
CA LYS C 73 -14.79 22.45 -1.60
C LYS C 73 -15.88 21.94 -0.68
N ASN C 74 -15.52 21.12 0.31
CA ASN C 74 -16.49 20.49 1.20
C ASN C 74 -16.57 21.18 2.55
N GLY C 75 -16.19 22.46 2.63
CA GLY C 75 -16.35 23.23 3.84
C GLY C 75 -15.25 23.08 4.87
N GLY C 76 -14.15 22.40 4.53
CA GLY C 76 -13.02 22.33 5.44
C GLY C 76 -13.08 21.21 6.45
N GLY C 77 -13.45 21.55 7.69
CA GLY C 77 -13.37 20.59 8.78
C GLY C 77 -14.24 19.36 8.59
N ALA C 78 -15.42 19.53 7.98
CA ALA C 78 -16.29 18.39 7.75
C ALA C 78 -15.67 17.36 6.81
N PHE C 79 -14.72 17.77 5.98
CA PHE C 79 -14.08 16.82 5.06
C PHE C 79 -13.22 15.81 5.80
N LEU C 80 -12.70 16.17 6.97
CA LEU C 80 -11.70 15.33 7.63
C LEU C 80 -12.30 14.08 8.25
N ILE C 81 -13.52 14.15 8.77
CA ILE C 81 -14.11 13.02 9.48
C ILE C 81 -14.29 11.83 8.54
N PRO C 82 -14.99 11.96 7.40
CA PRO C 82 -15.02 10.82 6.46
C PRO C 82 -13.66 10.49 5.92
N TYR C 83 -12.75 11.46 5.84
CA TYR C 83 -11.40 11.19 5.34
C TYR C 83 -10.70 10.16 6.23
N PHE C 84 -10.66 10.41 7.54
CA PHE C 84 -10.00 9.47 8.44
C PHE C 84 -10.81 8.17 8.61
N ILE C 85 -12.15 8.28 8.58
CA ILE C 85 -12.97 7.08 8.67
C ILE C 85 -12.64 6.13 7.53
N PHE C 86 -12.63 6.64 6.29
CA PHE C 86 -12.24 5.82 5.16
C PHE C 86 -10.77 5.39 5.25
N LEU C 87 -9.89 6.27 5.72
CA LEU C 87 -8.48 5.91 5.86
C LEU C 87 -8.35 4.61 6.64
N PHE C 88 -8.74 4.62 7.91
CA PHE C 88 -8.55 3.44 8.75
C PHE C 88 -9.52 2.32 8.45
N GLY C 89 -10.70 2.61 7.90
CA GLY C 89 -11.62 1.54 7.57
C GLY C 89 -11.17 0.72 6.38
N SER C 90 -10.72 1.38 5.30
CA SER C 90 -10.49 0.66 4.06
C SER C 90 -9.13 0.94 3.44
N GLY C 91 -8.65 2.19 3.51
CA GLY C 91 -7.54 2.62 2.68
C GLY C 91 -6.30 1.79 2.87
N LEU C 92 -5.80 1.77 4.11
CA LEU C 92 -4.64 0.95 4.44
C LEU C 92 -4.88 -0.53 4.20
N PRO C 93 -6.01 -1.13 4.62
CA PRO C 93 -6.22 -2.55 4.30
C PRO C 93 -6.27 -2.85 2.81
N VAL C 94 -6.91 -1.99 2.00
CA VAL C 94 -6.97 -2.25 0.57
C VAL C 94 -5.58 -2.06 -0.06
N PHE C 95 -4.82 -1.09 0.43
CA PHE C 95 -3.44 -0.93 -0.03
C PHE C 95 -2.60 -2.17 0.28
N PHE C 96 -2.71 -2.69 1.50
CA PHE C 96 -2.00 -3.91 1.87
C PHE C 96 -2.46 -5.07 1.01
N LEU C 97 -3.76 -5.17 0.78
CA LEU C 97 -4.33 -6.24 -0.03
C LEU C 97 -3.80 -6.21 -1.46
N GLU C 98 -3.76 -5.01 -2.06
CA GLU C 98 -3.26 -4.87 -3.41
C GLU C 98 -1.79 -5.24 -3.50
N ILE C 99 -0.99 -4.80 -2.53
CA ILE C 99 0.42 -5.18 -2.50
C ILE C 99 0.55 -6.70 -2.36
N ILE C 100 -0.31 -7.32 -1.56
CA ILE C 100 -0.25 -8.77 -1.37
C ILE C 100 -0.59 -9.50 -2.65
N ILE C 101 -1.60 -9.02 -3.39
CA ILE C 101 -1.89 -9.61 -4.70
C ILE C 101 -0.67 -9.49 -5.62
N GLY C 102 -0.08 -8.29 -5.66
CA GLY C 102 1.04 -8.07 -6.55
C GLY C 102 2.22 -8.98 -6.26
N GLN C 103 2.52 -9.17 -4.97
CA GLN C 103 3.61 -10.07 -4.61
C GLN C 103 3.21 -11.53 -4.81
N TYR C 104 1.97 -11.89 -4.50
CA TYR C 104 1.54 -13.29 -4.55
C TYR C 104 1.59 -13.82 -5.98
N THR C 105 1.05 -13.05 -6.94
CA THR C 105 1.06 -13.54 -8.31
C THR C 105 2.43 -13.40 -8.96
N SER C 106 3.19 -12.36 -8.58
CA SER C 106 4.48 -12.04 -9.22
C SER C 106 4.28 -11.80 -10.71
N GLU C 107 3.24 -11.04 -11.05
CA GLU C 107 2.91 -10.70 -12.42
C GLU C 107 2.18 -9.38 -12.43
N GLY C 108 1.66 -9.00 -13.60
CA GLY C 108 0.99 -7.73 -13.75
C GLY C 108 -0.37 -7.71 -13.06
N GLY C 109 -1.01 -6.54 -13.10
CA GLY C 109 -2.30 -6.36 -12.47
C GLY C 109 -3.43 -7.03 -13.19
N ILE C 110 -3.24 -7.41 -14.44
CA ILE C 110 -4.29 -8.11 -15.18
C ILE C 110 -4.16 -9.62 -15.06
N THR C 111 -2.93 -10.13 -14.86
CA THR C 111 -2.70 -11.56 -14.79
C THR C 111 -3.06 -12.14 -13.43
N CYS C 112 -2.96 -11.34 -12.36
CA CYS C 112 -3.17 -11.86 -11.01
C CYS C 112 -4.57 -12.42 -10.84
N TRP C 113 -5.57 -11.74 -11.40
CA TRP C 113 -6.95 -12.18 -11.23
C TRP C 113 -7.21 -13.52 -11.89
N GLU C 114 -6.38 -13.90 -12.88
CA GLU C 114 -6.48 -15.24 -13.44
C GLU C 114 -6.12 -16.30 -12.39
N LYS C 115 -5.09 -16.03 -11.58
CA LYS C 115 -4.73 -16.95 -10.50
C LYS C 115 -5.73 -16.90 -9.35
N ILE C 116 -6.28 -15.73 -9.05
CA ILE C 116 -7.17 -15.61 -7.89
C ILE C 116 -8.59 -16.04 -8.25
N CYS C 117 -9.22 -15.33 -9.20
CA CYS C 117 -10.62 -15.60 -9.57
C CYS C 117 -10.80 -15.27 -11.04
N PRO C 118 -10.77 -16.27 -11.92
CA PRO C 118 -10.90 -15.99 -13.37
C PRO C 118 -12.14 -15.22 -13.75
N LEU C 119 -13.25 -15.41 -13.03
CA LEU C 119 -14.48 -14.70 -13.37
C LEU C 119 -14.31 -13.19 -13.27
N PHE C 120 -13.64 -12.72 -12.22
CA PHE C 120 -13.49 -11.29 -11.96
C PHE C 120 -12.20 -10.71 -12.54
N SER C 121 -11.71 -11.28 -13.65
CA SER C 121 -10.52 -10.76 -14.30
C SER C 121 -10.74 -9.36 -14.86
N GLY C 122 -11.98 -8.91 -14.99
CA GLY C 122 -12.27 -7.58 -15.47
C GLY C 122 -11.76 -6.47 -14.58
N ILE C 123 -11.42 -6.79 -13.33
CA ILE C 123 -10.87 -5.78 -12.42
C ILE C 123 -9.56 -5.24 -12.96
N GLY C 124 -8.73 -6.11 -13.53
CA GLY C 124 -7.47 -5.65 -14.11
C GLY C 124 -7.68 -4.72 -15.30
N TYR C 125 -8.64 -5.04 -16.17
CA TYR C 125 -8.96 -4.15 -17.28
C TYR C 125 -9.52 -2.83 -16.80
N ALA C 126 -10.36 -2.87 -15.77
CA ALA C 126 -10.87 -1.63 -15.19
C ALA C 126 -9.73 -0.77 -14.64
N SER C 127 -8.79 -1.40 -13.95
CA SER C 127 -7.65 -0.67 -13.40
C SER C 127 -6.77 -0.08 -14.50
N VAL C 128 -6.50 -0.85 -15.56
CA VAL C 128 -5.64 -0.35 -16.62
C VAL C 128 -6.33 0.79 -17.39
N VAL C 129 -7.65 0.70 -17.58
CA VAL C 129 -8.35 1.80 -18.23
C VAL C 129 -8.43 3.02 -17.31
N ILE C 130 -8.50 2.81 -16.00
CA ILE C 130 -8.43 3.92 -15.06
C ILE C 130 -7.08 4.63 -15.18
N VAL C 131 -5.99 3.86 -15.25
CA VAL C 131 -4.67 4.45 -15.45
C VAL C 131 -4.60 5.20 -16.78
N SER C 132 -5.17 4.61 -17.83
CA SER C 132 -5.16 5.24 -19.14
C SER C 132 -5.88 6.59 -19.12
N LEU C 133 -7.04 6.64 -18.47
CA LEU C 133 -7.77 7.91 -18.39
C LEU C 133 -7.07 8.90 -17.47
N LEU C 134 -6.46 8.41 -16.38
CA LEU C 134 -5.74 9.29 -15.46
C LEU C 134 -4.55 9.95 -16.13
N ASN C 135 -3.82 9.19 -16.95
CA ASN C 135 -2.61 9.74 -17.57
C ASN C 135 -2.93 10.89 -18.52
N VAL C 136 -4.13 10.88 -19.11
CA VAL C 136 -4.49 11.91 -20.08
C VAL C 136 -4.61 13.27 -19.40
N TYR C 137 -5.27 13.32 -18.25
CA TYR C 137 -5.58 14.59 -17.59
C TYR C 137 -4.61 14.95 -16.47
N TYR C 138 -3.89 13.98 -15.90
CA TYR C 138 -2.99 14.28 -14.80
C TYR C 138 -1.82 15.15 -15.26
N ILE C 139 -1.52 15.11 -16.57
CA ILE C 139 -0.39 15.85 -17.13
C ILE C 139 -0.74 17.31 -17.41
N VAL C 140 -2.04 17.65 -17.47
CA VAL C 140 -2.41 19.05 -17.65
C VAL C 140 -1.97 19.87 -16.44
N ILE C 141 -1.90 19.26 -15.26
CA ILE C 141 -1.38 19.96 -14.09
C ILE C 141 0.08 20.33 -14.31
N LEU C 142 0.88 19.41 -14.86
CA LEU C 142 2.26 19.73 -15.17
C LEU C 142 2.37 20.75 -16.29
N ALA C 143 1.41 20.76 -17.22
CA ALA C 143 1.40 21.80 -18.24
C ALA C 143 1.18 23.18 -17.63
N TRP C 144 0.21 23.29 -16.71
CA TRP C 144 0.00 24.55 -16.02
C TRP C 144 1.22 24.94 -15.21
N ALA C 145 1.85 23.97 -14.55
CA ALA C 145 3.06 24.26 -13.78
C ALA C 145 4.18 24.77 -14.67
N THR C 146 4.35 24.16 -15.86
CA THR C 146 5.37 24.61 -16.79
C THR C 146 5.08 26.03 -17.27
N TYR C 147 3.81 26.32 -17.57
CA TYR C 147 3.45 27.67 -17.98
C TYR C 147 3.77 28.68 -16.87
N TYR C 148 3.43 28.34 -15.62
CA TYR C 148 3.73 29.22 -14.51
C TYR C 148 5.24 29.42 -14.34
N LEU C 149 6.00 28.34 -14.47
CA LEU C 149 7.45 28.42 -14.31
C LEU C 149 8.07 29.30 -15.39
N PHE C 150 7.61 29.16 -16.63
CA PHE C 150 8.09 30.05 -17.69
C PHE C 150 7.68 31.50 -17.43
N GLN C 151 6.47 31.72 -16.91
CA GLN C 151 6.07 33.08 -16.56
C GLN C 151 6.84 33.63 -15.37
N SER C 152 7.49 32.77 -14.58
CA SER C 152 8.21 33.22 -13.40
C SER C 152 9.55 33.88 -13.74
N PHE C 153 10.05 33.74 -14.97
CA PHE C 153 11.31 34.36 -15.37
C PHE C 153 11.08 35.85 -15.67
N GLN C 154 10.74 36.58 -14.62
CA GLN C 154 10.51 38.02 -14.73
C GLN C 154 11.02 38.70 -13.47
N LYS C 155 11.32 39.99 -13.60
CA LYS C 155 11.74 40.77 -12.43
C LYS C 155 10.61 40.90 -11.41
N GLU C 156 9.37 40.98 -11.87
CA GLU C 156 8.20 41.03 -11.01
C GLU C 156 7.21 39.99 -11.48
N LEU C 157 6.66 39.23 -10.55
CA LEU C 157 5.71 38.18 -10.91
C LEU C 157 4.44 38.81 -11.50
N PRO C 158 3.91 38.24 -12.58
CA PRO C 158 2.72 38.84 -13.21
C PRO C 158 1.49 38.85 -12.32
N TRP C 159 1.38 37.91 -11.38
CA TRP C 159 0.22 37.82 -10.52
C TRP C 159 0.35 38.64 -9.23
N ALA C 160 1.50 39.26 -9.00
CA ALA C 160 1.68 40.05 -7.78
C ALA C 160 0.93 41.37 -7.83
N HIS C 161 0.65 41.89 -9.03
CA HIS C 161 -0.08 43.14 -9.19
C HIS C 161 -0.97 43.01 -10.41
N CYS C 162 -1.90 43.95 -10.57
CA CYS C 162 -2.82 43.95 -11.72
C CYS C 162 -2.75 45.30 -12.42
N ASN C 163 -1.81 45.41 -13.37
CA ASN C 163 -1.76 46.53 -14.29
C ASN C 163 -1.57 46.06 -15.74
N HIS C 164 -1.72 44.77 -16.00
CA HIS C 164 -1.42 44.18 -17.29
C HIS C 164 -2.66 44.21 -18.20
N SER C 165 -2.48 43.70 -19.43
CA SER C 165 -3.52 43.79 -20.44
C SER C 165 -4.71 42.87 -20.13
N TRP C 166 -4.44 41.65 -19.69
CA TRP C 166 -5.52 40.66 -19.54
C TRP C 166 -6.43 40.96 -18.35
N ASN C 167 -6.05 41.92 -17.52
CA ASN C 167 -6.75 42.19 -16.27
C ASN C 167 -8.00 43.02 -16.49
N THR C 168 -9.06 42.69 -15.76
CA THR C 168 -10.33 43.39 -15.84
C THR C 168 -10.25 44.74 -15.11
N PRO C 169 -11.10 45.69 -15.48
CA PRO C 169 -11.11 46.98 -14.77
C PRO C 169 -11.54 46.87 -13.31
N HIS C 170 -12.19 45.77 -12.92
CA HIS C 170 -12.67 45.63 -11.55
C HIS C 170 -11.57 45.25 -10.56
N CYS C 171 -10.34 45.02 -11.01
CA CYS C 171 -9.29 44.60 -10.09
C CYS C 171 -9.01 45.66 -9.03
N MET C 172 -8.74 45.18 -7.81
CA MET C 172 -8.22 46.01 -6.74
C MET C 172 -7.13 45.22 -6.03
N GLU C 173 -6.05 45.89 -5.68
CA GLU C 173 -4.97 45.24 -4.95
C GLU C 173 -5.47 44.71 -3.62
N ASP C 174 -4.98 43.53 -3.24
CA ASP C 174 -5.43 42.90 -2.00
C ASP C 174 -5.21 43.80 -0.80
N THR C 175 -4.12 44.58 -0.80
CA THR C 175 -3.92 45.56 0.27
C THR C 175 -4.96 46.66 0.22
N MET C 176 -5.33 47.11 -0.98
CA MET C 176 -6.26 48.21 -1.14
C MET C 176 -7.73 47.78 -1.15
N ARG C 177 -8.01 46.48 -1.22
CA ARG C 177 -9.40 46.03 -1.32
C ARG C 177 -10.17 46.32 -0.04
N LYS C 178 -9.49 46.41 1.10
CA LYS C 178 -10.11 46.71 2.38
C LYS C 178 -9.79 48.13 2.86
N ASN C 179 -9.27 48.97 1.96
CA ASN C 179 -8.92 50.34 2.31
C ASN C 179 -10.16 51.16 2.69
N THR C 189 -18.33 42.81 -2.44
CA THR C 189 -17.74 43.75 -3.39
C THR C 189 -17.53 43.09 -4.75
N ASN C 190 -17.55 43.90 -5.80
CA ASN C 190 -17.38 43.41 -7.17
C ASN C 190 -15.91 43.35 -7.59
N PHE C 191 -14.98 43.76 -6.72
CA PHE C 191 -13.58 43.74 -7.07
C PHE C 191 -13.05 42.31 -7.15
N THR C 192 -11.96 42.15 -7.90
CA THR C 192 -11.34 40.85 -8.13
C THR C 192 -9.86 40.91 -7.78
N SER C 193 -9.36 39.84 -7.16
CA SER C 193 -7.95 39.76 -6.79
C SER C 193 -7.08 39.50 -8.02
N PRO C 194 -5.89 40.13 -8.08
CA PRO C 194 -5.03 39.93 -9.26
C PRO C 194 -4.62 38.48 -9.49
N VAL C 195 -4.38 37.71 -8.43
CA VAL C 195 -3.94 36.33 -8.62
C VAL C 195 -5.07 35.47 -9.19
N ILE C 196 -6.28 35.66 -8.68
CA ILE C 196 -7.41 34.87 -9.16
C ILE C 196 -7.66 35.13 -10.63
N GLU C 197 -7.74 36.41 -11.01
CA GLU C 197 -7.99 36.72 -12.41
C GLU C 197 -6.80 36.40 -13.30
N PHE C 198 -5.58 36.40 -12.76
CA PHE C 198 -4.45 35.89 -13.54
C PHE C 198 -4.66 34.42 -13.86
N TRP C 199 -4.98 33.61 -12.85
CA TRP C 199 -5.24 32.19 -13.07
C TRP C 199 -6.36 31.98 -14.07
N GLU C 200 -7.44 32.77 -13.97
CA GLU C 200 -8.59 32.55 -14.82
C GLU C 200 -8.36 33.02 -16.25
N ARG C 201 -7.70 34.17 -16.43
CA ARG C 201 -7.67 34.86 -17.72
C ARG C 201 -6.36 34.69 -18.48
N ASN C 202 -5.21 34.72 -17.81
CA ASN C 202 -3.93 34.61 -18.50
C ASN C 202 -3.59 33.15 -18.78
N VAL C 203 -3.57 32.32 -17.74
CA VAL C 203 -3.26 30.91 -17.92
C VAL C 203 -4.43 30.18 -18.58
N LEU C 204 -5.59 30.18 -17.93
CA LEU C 204 -6.74 29.44 -18.45
C LEU C 204 -7.40 30.15 -19.63
N SER C 205 -7.55 31.47 -19.55
CA SER C 205 -8.40 32.22 -20.47
C SER C 205 -9.80 31.62 -20.50
N LEU C 206 -10.37 31.47 -19.30
CA LEU C 206 -11.56 30.64 -19.11
C LEU C 206 -12.74 31.13 -19.94
N SER C 207 -13.42 30.18 -20.58
CA SER C 207 -14.63 30.44 -21.34
C SER C 207 -15.83 30.56 -20.40
N PRO C 208 -16.93 31.12 -20.87
CA PRO C 208 -18.15 31.14 -20.05
C PRO C 208 -18.69 29.76 -19.72
N GLY C 209 -18.33 28.72 -20.46
CA GLY C 209 -18.83 27.39 -20.18
C GLY C 209 -18.16 26.36 -21.06
N ILE C 210 -18.46 25.09 -20.75
CA ILE C 210 -17.90 23.98 -21.52
C ILE C 210 -18.43 23.97 -22.94
N ASP C 211 -19.60 24.58 -23.17
CA ASP C 211 -20.19 24.65 -24.50
C ASP C 211 -19.43 25.59 -25.43
N HIS C 212 -18.44 26.32 -24.93
CA HIS C 212 -17.66 27.28 -25.73
C HIS C 212 -16.20 26.91 -25.61
N PRO C 213 -15.74 25.92 -26.39
CA PRO C 213 -14.32 25.55 -26.31
C PRO C 213 -13.37 26.70 -26.61
N GLY C 214 -13.74 27.57 -27.54
CA GLY C 214 -12.90 28.71 -27.86
C GLY C 214 -11.64 28.30 -28.61
N SER C 215 -10.67 29.20 -28.61
CA SER C 215 -9.41 28.96 -29.30
C SER C 215 -8.53 28.00 -28.51
N LEU C 216 -7.69 27.26 -29.24
CA LEU C 216 -6.74 26.35 -28.63
C LEU C 216 -5.50 27.15 -28.21
N LYS C 217 -5.29 27.27 -26.90
CA LYS C 217 -4.18 28.07 -26.40
C LYS C 217 -2.85 27.44 -26.80
N TRP C 218 -2.13 28.12 -27.69
CA TRP C 218 -0.92 27.54 -28.28
C TRP C 218 0.18 27.35 -27.25
N ASP C 219 0.35 28.30 -26.33
CA ASP C 219 1.42 28.18 -25.32
C ASP C 219 1.19 26.96 -24.43
N LEU C 220 -0.05 26.75 -24.00
CA LEU C 220 -0.34 25.58 -23.16
C LEU C 220 -0.21 24.29 -23.95
N ALA C 221 -0.55 24.31 -25.24
CA ALA C 221 -0.34 23.13 -26.08
C ALA C 221 1.15 22.78 -26.18
N LEU C 222 2.00 23.79 -26.35
CA LEU C 222 3.43 23.53 -26.36
C LEU C 222 3.95 23.09 -24.99
N CYS C 223 3.35 23.59 -23.91
CA CYS C 223 3.72 23.11 -22.58
C CYS C 223 3.42 21.62 -22.43
N LEU C 224 2.22 21.21 -22.85
CA LEU C 224 1.89 19.79 -22.84
C LEU C 224 2.84 18.99 -23.72
N LEU C 225 3.16 19.54 -24.90
CA LEU C 225 4.07 18.84 -25.81
C LEU C 225 5.45 18.66 -25.20
N LEU C 226 5.95 19.69 -24.52
CA LEU C 226 7.25 19.60 -23.85
C LEU C 226 7.22 18.56 -22.74
N VAL C 227 6.17 18.57 -21.91
CA VAL C 227 6.09 17.61 -20.82
C VAL C 227 5.98 16.19 -21.37
N TRP C 228 5.20 16.01 -22.45
CA TRP C 228 5.06 14.69 -23.05
C TRP C 228 6.36 14.22 -23.69
N LEU C 229 7.13 15.13 -24.29
CA LEU C 229 8.44 14.76 -24.80
C LEU C 229 9.37 14.33 -23.67
N VAL C 230 9.35 15.05 -22.55
CA VAL C 230 10.17 14.65 -21.40
C VAL C 230 9.78 13.26 -20.94
N CYS C 231 8.47 13.01 -20.81
CA CYS C 231 7.99 11.70 -20.38
C CYS C 231 8.40 10.62 -21.38
N PHE C 232 8.23 10.89 -22.67
CA PHE C 232 8.54 9.90 -23.70
C PHE C 232 10.02 9.53 -23.68
N PHE C 233 10.90 10.53 -23.61
CA PHE C 233 12.33 10.24 -23.55
C PHE C 233 12.68 9.49 -22.28
N CYS C 234 12.10 9.87 -21.15
CA CYS C 234 12.42 9.18 -19.89
C CYS C 234 11.99 7.73 -19.92
N ILE C 235 10.79 7.45 -20.43
CA ILE C 235 10.31 6.07 -20.47
C ILE C 235 11.09 5.24 -21.49
N TRP C 236 11.34 5.80 -22.68
CA TRP C 236 12.03 5.03 -23.71
C TRP C 236 13.47 4.76 -23.32
N LYS C 237 14.18 5.77 -22.82
CA LYS C 237 15.57 5.61 -22.43
C LYS C 237 15.73 5.06 -21.02
N GLY C 238 14.64 4.86 -20.28
CA GLY C 238 14.74 4.33 -18.95
C GLY C 238 15.31 5.27 -17.91
N VAL C 239 15.21 6.59 -18.13
CA VAL C 239 15.75 7.55 -17.19
C VAL C 239 14.87 7.59 -15.95
N ARG C 240 15.50 7.41 -14.78
CA ARG C 240 14.77 7.41 -13.52
C ARG C 240 15.74 7.80 -12.41
N SER C 241 15.17 8.23 -11.28
CA SER C 241 15.96 8.65 -10.13
C SER C 241 16.52 7.41 -9.43
N THR C 242 17.77 7.08 -9.73
CA THR C 242 18.44 5.94 -9.13
C THR C 242 19.81 6.25 -8.56
N GLY C 243 20.50 7.28 -9.05
CA GLY C 243 21.79 7.65 -8.54
C GLY C 243 21.69 8.53 -7.30
N LYS C 244 22.73 9.33 -7.08
CA LYS C 244 22.74 10.23 -5.93
C LYS C 244 21.63 11.27 -5.99
N VAL C 245 21.04 11.49 -7.17
CA VAL C 245 19.96 12.46 -7.32
C VAL C 245 18.72 12.06 -6.55
N VAL C 246 18.60 10.79 -6.15
CA VAL C 246 17.40 10.33 -5.45
C VAL C 246 17.23 11.06 -4.13
N TYR C 247 18.34 11.33 -3.42
CA TYR C 247 18.25 12.01 -2.13
C TYR C 247 17.72 13.42 -2.30
N PHE C 248 18.23 14.17 -3.29
CA PHE C 248 17.74 15.52 -3.53
C PHE C 248 16.28 15.49 -3.97
N THR C 249 15.91 14.54 -4.84
CA THR C 249 14.53 14.44 -5.29
C THR C 249 13.59 14.11 -4.14
N ALA C 250 14.06 13.32 -3.17
CA ALA C 250 13.23 12.93 -2.03
C ALA C 250 13.17 14.00 -0.94
N THR C 251 14.18 14.86 -0.83
CA THR C 251 14.21 15.85 0.24
C THR C 251 13.71 17.22 -0.18
N PHE C 252 13.91 17.61 -1.44
CA PHE C 252 13.50 18.95 -1.88
C PHE C 252 12.00 19.22 -1.73
N PRO C 253 11.08 18.33 -2.13
CA PRO C 253 9.66 18.63 -1.92
C PRO C 253 9.30 18.87 -0.46
N PHE C 254 9.81 18.06 0.46
CA PHE C 254 9.50 18.25 1.87
C PHE C 254 10.05 19.58 2.38
N ALA C 255 11.25 19.96 1.92
CA ALA C 255 11.81 21.25 2.32
C ALA C 255 10.94 22.40 1.82
N MET C 256 10.50 22.34 0.56
CA MET C 256 9.66 23.39 0.02
C MET C 256 8.32 23.47 0.74
N LEU C 257 7.71 22.30 1.03
CA LEU C 257 6.44 22.28 1.76
C LEU C 257 6.62 22.83 3.17
N LEU C 258 7.75 22.53 3.82
CA LEU C 258 8.02 23.09 5.13
C LEU C 258 8.14 24.61 5.06
N VAL C 259 8.82 25.13 4.04
CA VAL C 259 8.95 26.57 3.87
C VAL C 259 7.57 27.21 3.68
N LEU C 260 6.74 26.60 2.82
CA LEU C 260 5.40 27.14 2.59
C LEU C 260 4.55 27.08 3.85
N LEU C 261 4.65 25.99 4.61
CA LEU C 261 3.90 25.85 5.85
C LEU C 261 4.31 26.91 6.86
N VAL C 262 5.62 27.14 6.99
CA VAL C 262 6.11 28.16 7.92
C VAL C 262 5.62 29.53 7.50
N ARG C 263 5.69 29.83 6.19
CA ARG C 263 5.21 31.13 5.72
C ARG C 263 3.72 31.30 5.97
N GLY C 264 2.93 30.25 5.72
CA GLY C 264 1.50 30.34 5.93
C GLY C 264 1.11 30.51 7.39
N LEU C 265 1.74 29.74 8.28
CA LEU C 265 1.38 29.79 9.69
C LEU C 265 1.77 31.12 10.33
N THR C 266 2.78 31.79 9.81
CA THR C 266 3.20 33.08 10.33
C THR C 266 2.40 34.25 9.77
N LEU C 267 1.44 33.99 8.88
CA LEU C 267 0.60 35.04 8.34
C LEU C 267 -0.35 35.56 9.42
N PRO C 268 -0.74 36.84 9.35
CA PRO C 268 -1.65 37.38 10.37
C PRO C 268 -2.99 36.69 10.45
N GLY C 269 -3.51 36.18 9.34
CA GLY C 269 -4.83 35.57 9.32
C GLY C 269 -4.82 34.06 9.38
N ALA C 270 -3.70 33.47 9.78
CA ALA C 270 -3.57 32.02 9.77
C ALA C 270 -4.54 31.35 10.74
N GLY C 271 -4.81 32.00 11.87
CA GLY C 271 -5.65 31.37 12.88
C GLY C 271 -7.05 31.05 12.40
N ALA C 272 -7.69 31.99 11.71
CA ALA C 272 -9.01 31.74 11.17
C ALA C 272 -9.00 30.67 10.09
N GLY C 273 -7.95 30.62 9.29
CA GLY C 273 -7.83 29.56 8.30
C GLY C 273 -7.72 28.18 8.95
N ILE C 274 -6.96 28.09 10.04
CA ILE C 274 -6.86 26.83 10.77
C ILE C 274 -8.20 26.45 11.38
N LYS C 275 -8.92 27.45 11.94
CA LYS C 275 -10.24 27.18 12.50
C LYS C 275 -11.19 26.65 11.44
N PHE C 276 -11.19 27.25 10.25
CA PHE C 276 -12.02 26.73 9.16
C PHE C 276 -11.56 25.34 8.74
N TYR C 277 -10.25 25.09 8.76
CA TYR C 277 -9.72 23.82 8.31
C TYR C 277 -10.09 22.67 9.24
N LEU C 278 -10.14 22.93 10.55
CA LEU C 278 -10.31 21.85 11.52
C LEU C 278 -11.70 21.76 12.14
N TYR C 279 -12.45 22.85 12.23
CA TYR C 279 -13.75 22.81 12.88
C TYR C 279 -14.77 22.05 12.02
N PRO C 280 -15.36 20.98 12.52
CA PRO C 280 -16.35 20.25 11.73
C PRO C 280 -17.66 21.01 11.63
N ASP C 281 -18.46 20.62 10.64
CA ASP C 281 -19.80 21.16 10.40
C ASP C 281 -20.79 20.02 10.16
N ILE C 282 -20.80 19.05 11.08
CA ILE C 282 -21.61 17.85 10.92
C ILE C 282 -23.09 18.18 10.81
N THR C 283 -23.51 19.32 11.36
CA THR C 283 -24.94 19.65 11.36
C THR C 283 -25.46 20.02 9.96
N ARG C 284 -24.58 20.42 9.04
CA ARG C 284 -25.05 20.90 7.74
C ARG C 284 -24.35 20.20 6.58
N LEU C 285 -23.07 19.87 6.74
CA LEU C 285 -22.23 19.44 5.64
C LEU C 285 -22.22 17.93 5.41
N GLU C 286 -23.06 17.17 6.13
CA GLU C 286 -23.07 15.73 5.93
C GLU C 286 -23.89 15.32 4.71
N ASP C 287 -23.54 15.87 3.55
CA ASP C 287 -24.06 15.45 2.26
C ASP C 287 -23.25 14.27 1.74
N PRO C 288 -23.80 13.50 0.80
CA PRO C 288 -23.01 12.40 0.23
C PRO C 288 -21.73 12.88 -0.45
N GLN C 289 -21.74 14.09 -1.01
CA GLN C 289 -20.62 14.56 -1.81
C GLN C 289 -19.32 14.57 -1.00
N VAL C 290 -19.37 15.03 0.25
CA VAL C 290 -18.17 15.04 1.08
C VAL C 290 -17.70 13.61 1.37
N TRP C 291 -18.64 12.69 1.56
CA TRP C 291 -18.26 11.30 1.84
C TRP C 291 -17.55 10.68 0.64
N ILE C 292 -18.14 10.82 -0.55
CA ILE C 292 -17.50 10.27 -1.75
C ILE C 292 -16.16 10.94 -1.99
N ASP C 293 -16.10 12.27 -1.83
CA ASP C 293 -14.86 13.00 -2.07
C ASP C 293 -13.74 12.52 -1.14
N ALA C 294 -14.02 12.37 0.15
CA ALA C 294 -12.99 11.93 1.08
C ALA C 294 -12.62 10.47 0.85
N GLY C 295 -13.62 9.60 0.67
CA GLY C 295 -13.33 8.19 0.49
C GLY C 295 -12.53 7.92 -0.77
N THR C 296 -12.89 8.56 -1.88
CA THR C 296 -12.13 8.39 -3.11
C THR C 296 -10.83 9.18 -3.11
N GLN C 297 -10.71 10.24 -2.30
CA GLN C 297 -9.41 10.87 -2.12
C GLN C 297 -8.43 9.92 -1.45
N ILE C 298 -8.93 9.13 -0.49
CA ILE C 298 -8.11 8.09 0.11
C ILE C 298 -7.62 7.10 -0.95
N PHE C 299 -8.52 6.66 -1.83
CA PHE C 299 -8.17 5.69 -2.87
C PHE C 299 -7.35 6.29 -4.01
N PHE C 300 -7.37 7.61 -4.16
CA PHE C 300 -6.62 8.27 -5.22
C PHE C 300 -5.21 8.64 -4.78
N SER C 301 -5.07 9.08 -3.52
CA SER C 301 -3.73 9.40 -3.00
C SER C 301 -2.81 8.19 -3.07
N TYR C 302 -3.32 7.04 -2.64
CA TYR C 302 -2.63 5.78 -2.88
C TYR C 302 -2.91 5.32 -4.31
N ALA C 303 -1.94 4.64 -4.90
CA ALA C 303 -2.13 4.13 -6.27
C ALA C 303 -2.87 2.80 -6.22
N ILE C 304 -4.00 2.77 -5.53
CA ILE C 304 -4.84 1.58 -5.42
C ILE C 304 -6.06 1.77 -6.31
N CYS C 305 -6.63 0.65 -6.74
CA CYS C 305 -7.69 0.55 -7.74
C CYS C 305 -7.17 0.88 -9.13
N LEU C 306 -5.91 1.30 -9.26
CA LEU C 306 -5.28 1.57 -10.54
C LEU C 306 -4.52 0.37 -11.08
N GLY C 307 -4.16 -0.59 -10.23
CA GLY C 307 -3.39 -1.74 -10.64
C GLY C 307 -1.90 -1.52 -10.73
N ALA C 308 -1.41 -0.33 -10.37
CA ALA C 308 0.03 -0.08 -10.38
C ALA C 308 0.71 -0.61 -9.12
N MET C 309 -0.01 -0.61 -8.00
CA MET C 309 0.58 -1.11 -6.76
C MET C 309 0.91 -2.59 -6.83
N THR C 310 0.14 -3.37 -7.60
CA THR C 310 0.49 -4.78 -7.80
C THR C 310 1.82 -4.93 -8.51
N SER C 311 2.03 -4.14 -9.57
CA SER C 311 3.30 -4.19 -10.29
C SER C 311 4.46 -3.72 -9.40
N LEU C 312 4.25 -2.66 -8.62
CA LEU C 312 5.30 -2.18 -7.74
C LEU C 312 5.64 -3.22 -6.67
N GLY C 313 4.62 -3.85 -6.10
CA GLY C 313 4.87 -4.88 -5.09
C GLY C 313 5.58 -6.09 -5.67
N SER C 314 5.27 -6.44 -6.93
CA SER C 314 5.94 -7.57 -7.56
C SER C 314 7.44 -7.36 -7.69
N TYR C 315 7.91 -6.11 -7.65
CA TYR C 315 9.34 -5.84 -7.74
C TYR C 315 10.09 -6.28 -6.49
N ASN C 316 9.41 -6.39 -5.35
CA ASN C 316 10.06 -6.77 -4.10
C ASN C 316 10.04 -8.28 -3.94
N LYS C 317 10.41 -8.76 -2.76
CA LYS C 317 10.46 -10.19 -2.48
C LYS C 317 9.84 -10.45 -1.11
N TYR C 318 9.64 -11.73 -0.81
CA TYR C 318 9.04 -12.12 0.47
C TYR C 318 9.93 -11.75 1.66
N HIS C 319 11.23 -11.57 1.44
CA HIS C 319 12.13 -11.20 2.53
C HIS C 319 11.89 -9.77 3.01
N ASN C 320 11.20 -8.95 2.22
CA ASN C 320 10.92 -7.58 2.64
C ASN C 320 9.91 -7.56 3.77
N ASN C 321 9.95 -6.48 4.57
CA ASN C 321 9.07 -6.33 5.72
C ASN C 321 7.73 -5.76 5.29
N VAL C 322 6.95 -6.61 4.61
CA VAL C 322 5.62 -6.24 4.17
C VAL C 322 4.72 -6.10 5.38
N TYR C 323 3.67 -5.27 5.26
CA TYR C 323 2.71 -4.92 6.31
C TYR C 323 3.35 -3.99 7.34
N ARG C 324 4.68 -3.82 7.30
CA ARG C 324 5.27 -2.68 7.98
C ARG C 324 5.47 -1.52 7.02
N ASP C 325 6.03 -1.81 5.83
CA ASP C 325 6.16 -0.77 4.82
C ASP C 325 4.81 -0.22 4.41
N CYS C 326 3.80 -1.09 4.32
CA CYS C 326 2.48 -0.65 3.88
C CYS C 326 1.89 0.37 4.84
N MET C 327 1.85 0.04 6.14
CA MET C 327 1.31 0.97 7.12
C MET C 327 2.16 2.22 7.22
N LEU C 328 3.49 2.07 7.22
CA LEU C 328 4.36 3.24 7.31
C LEU C 328 4.09 4.21 6.16
N LEU C 329 4.09 3.69 4.93
CA LEU C 329 3.91 4.53 3.76
C LEU C 329 2.53 5.15 3.73
N GLY C 330 1.49 4.37 4.05
CA GLY C 330 0.14 4.92 4.03
C GLY C 330 -0.07 6.01 5.07
N CYS C 331 0.37 5.76 6.30
CA CYS C 331 0.21 6.77 7.35
C CYS C 331 0.99 8.04 7.01
N LEU C 332 2.23 7.88 6.52
CA LEU C 332 3.03 9.05 6.18
C LEU C 332 2.46 9.80 4.98
N ASN C 333 1.91 9.07 4.01
CA ASN C 333 1.32 9.70 2.83
C ASN C 333 0.08 10.50 3.20
N SER C 334 -0.74 9.98 4.11
CA SER C 334 -1.87 10.78 4.60
C SER C 334 -1.40 11.94 5.48
N GLY C 335 -0.32 11.73 6.24
CA GLY C 335 0.17 12.78 7.12
C GLY C 335 0.70 13.98 6.38
N THR C 336 1.41 13.75 5.27
CA THR C 336 1.91 14.88 4.49
C THR C 336 0.78 15.69 3.88
N SER C 337 -0.29 15.00 3.44
CA SER C 337 -1.48 15.70 2.95
C SER C 337 -2.08 16.55 4.06
N PHE C 338 -2.24 15.97 5.24
CA PHE C 338 -2.84 16.69 6.36
C PHE C 338 -1.99 17.88 6.76
N VAL C 339 -0.66 17.74 6.69
CA VAL C 339 0.24 18.85 7.05
C VAL C 339 0.12 19.97 6.03
N SER C 340 0.18 19.64 4.73
CA SER C 340 0.06 20.67 3.70
C SER C 340 -1.31 21.34 3.72
N GLY C 341 -2.32 20.66 4.27
CA GLY C 341 -3.60 21.31 4.48
C GLY C 341 -3.48 22.53 5.38
N PHE C 342 -2.64 22.45 6.42
CA PHE C 342 -2.43 23.61 7.28
C PHE C 342 -1.86 24.79 6.50
N ALA C 343 -0.88 24.53 5.63
CA ALA C 343 -0.30 25.60 4.83
C ALA C 343 -1.33 26.23 3.90
N ILE C 344 -2.07 25.39 3.17
CA ILE C 344 -3.05 25.90 2.22
C ILE C 344 -4.11 26.73 2.95
N PHE C 345 -4.65 26.21 4.05
CA PHE C 345 -5.73 26.91 4.72
C PHE C 345 -5.24 28.12 5.51
N SER C 346 -3.98 28.12 5.95
CA SER C 346 -3.42 29.34 6.55
C SER C 346 -3.25 30.43 5.51
N ILE C 347 -2.82 30.08 4.30
CA ILE C 347 -2.75 31.06 3.22
C ILE C 347 -4.15 31.58 2.90
N LEU C 348 -5.13 30.69 2.86
CA LEU C 348 -6.52 31.10 2.62
C LEU C 348 -7.02 32.03 3.72
N GLY C 349 -6.68 31.74 4.97
CA GLY C 349 -7.07 32.61 6.07
C GLY C 349 -6.43 33.98 5.99
N PHE C 350 -5.15 34.03 5.60
CA PHE C 350 -4.50 35.32 5.38
C PHE C 350 -5.19 36.09 4.26
N MET C 351 -5.55 35.40 3.18
CA MET C 351 -6.29 36.04 2.09
C MET C 351 -7.63 36.57 2.58
N ALA C 352 -8.32 35.82 3.44
CA ALA C 352 -9.59 36.27 3.99
C ALA C 352 -9.41 37.51 4.86
N GLN C 353 -8.36 37.53 5.69
CA GLN C 353 -8.10 38.70 6.52
C GLN C 353 -7.79 39.92 5.66
N GLU C 354 -6.99 39.74 4.61
CA GLU C 354 -6.57 40.87 3.79
C GLU C 354 -7.73 41.40 2.94
N GLN C 355 -8.49 40.52 2.30
CA GLN C 355 -9.53 40.92 1.38
C GLN C 355 -10.85 41.27 2.06
N GLY C 356 -11.00 40.97 3.34
CA GLY C 356 -12.22 41.31 4.05
C GLY C 356 -13.43 40.48 3.68
N VAL C 357 -13.22 39.27 3.18
CA VAL C 357 -14.32 38.37 2.82
C VAL C 357 -14.09 37.03 3.50
N ASP C 358 -15.13 36.19 3.47
CA ASP C 358 -15.09 34.90 4.15
C ASP C 358 -14.04 33.98 3.52
N ILE C 359 -13.61 32.99 4.31
CA ILE C 359 -12.60 32.03 3.84
C ILE C 359 -13.14 31.22 2.67
N ALA C 360 -14.44 30.90 2.69
CA ALA C 360 -15.03 30.09 1.65
C ALA C 360 -15.15 30.81 0.32
N ASP C 361 -14.91 32.13 0.28
CA ASP C 361 -15.07 32.91 -0.93
C ASP C 361 -13.77 33.46 -1.50
N VAL C 362 -12.65 33.31 -0.79
CA VAL C 362 -11.42 33.98 -1.21
C VAL C 362 -10.87 33.36 -2.49
N ALA C 363 -10.96 32.04 -2.64
CA ALA C 363 -10.36 31.35 -3.77
C ALA C 363 -11.36 30.38 -4.37
N GLU C 364 -11.03 29.90 -5.56
CA GLU C 364 -11.92 29.01 -6.31
C GLU C 364 -11.99 27.63 -5.65
N SER C 365 -13.19 27.08 -5.59
CA SER C 365 -13.41 25.72 -5.10
C SER C 365 -13.21 24.73 -6.25
N GLY C 366 -11.96 24.62 -6.67
CA GLY C 366 -11.62 23.77 -7.79
C GLY C 366 -10.13 23.47 -7.85
N PRO C 367 -9.69 22.83 -8.93
CA PRO C 367 -8.28 22.40 -9.02
C PRO C 367 -7.30 23.56 -8.93
N GLY C 368 -7.72 24.78 -9.24
CA GLY C 368 -6.84 25.93 -9.22
C GLY C 368 -6.52 26.47 -7.84
N LEU C 369 -6.98 25.81 -6.77
CA LEU C 369 -6.65 26.28 -5.43
C LEU C 369 -5.14 26.24 -5.20
N ALA C 370 -4.47 25.20 -5.70
CA ALA C 370 -3.01 25.15 -5.60
C ALA C 370 -2.34 26.26 -6.37
N PHE C 371 -2.89 26.63 -7.53
CA PHE C 371 -2.31 27.66 -8.38
C PHE C 371 -2.76 29.07 -7.99
N ILE C 372 -3.61 29.19 -6.97
CA ILE C 372 -4.03 30.48 -6.44
C ILE C 372 -3.42 30.76 -5.07
N ALA C 373 -3.39 29.75 -4.20
CA ALA C 373 -2.89 29.96 -2.84
C ALA C 373 -1.37 30.04 -2.80
N TYR C 374 -0.70 29.04 -3.38
CA TYR C 374 0.76 29.01 -3.33
C TYR C 374 1.43 30.21 -3.99
N PRO C 375 1.01 30.68 -5.17
CA PRO C 375 1.59 31.93 -5.69
C PRO C 375 1.37 33.11 -4.77
N LYS C 376 0.22 33.17 -4.09
CA LYS C 376 -0.01 34.22 -3.11
C LYS C 376 0.97 34.08 -1.94
N ALA C 377 1.32 32.85 -1.58
CA ALA C 377 2.30 32.62 -0.52
C ALA C 377 3.69 33.10 -0.95
N VAL C 378 4.13 32.70 -2.14
CA VAL C 378 5.47 33.08 -2.59
C VAL C 378 5.54 34.58 -2.85
N THR C 379 4.40 35.22 -3.10
CA THR C 379 4.35 36.67 -3.22
C THR C 379 4.75 37.36 -1.92
N MET C 380 4.51 36.72 -0.78
CA MET C 380 4.77 37.30 0.53
C MET C 380 6.10 36.86 1.14
N MET C 381 7.09 36.57 0.30
CA MET C 381 8.40 36.14 0.74
C MET C 381 9.47 36.99 0.08
N PRO C 382 10.64 37.13 0.71
CA PRO C 382 11.71 37.92 0.09
C PRO C 382 12.15 37.33 -1.24
N LEU C 383 12.35 38.21 -2.23
CA LEU C 383 12.67 37.85 -3.61
C LEU C 383 11.66 36.82 -4.10
N PRO C 384 10.43 37.24 -4.41
CA PRO C 384 9.39 36.27 -4.79
C PRO C 384 9.73 35.43 -6.01
N THR C 385 10.54 35.95 -6.94
CA THR C 385 10.88 35.19 -8.14
C THR C 385 11.61 33.91 -7.79
N PHE C 386 12.54 33.98 -6.84
CA PHE C 386 13.32 32.81 -6.44
C PHE C 386 12.42 31.70 -5.89
N TRP C 387 11.52 32.05 -4.96
CA TRP C 387 10.62 31.06 -4.39
C TRP C 387 9.62 30.55 -5.41
N SER C 388 9.14 31.41 -6.32
CA SER C 388 8.22 30.93 -7.35
C SER C 388 8.91 29.90 -8.25
N ILE C 389 10.14 30.18 -8.68
CA ILE C 389 10.88 29.25 -9.53
C ILE C 389 11.12 27.95 -8.79
N LEU C 390 11.56 28.03 -7.54
CA LEU C 390 11.82 26.81 -6.77
C LEU C 390 10.54 26.00 -6.58
N PHE C 391 9.44 26.67 -6.25
CA PHE C 391 8.18 25.97 -6.03
C PHE C 391 7.72 25.24 -7.28
N PHE C 392 7.79 25.91 -8.43
CA PHE C 392 7.29 25.24 -9.63
C PHE C 392 8.27 24.19 -10.16
N ILE C 393 9.57 24.34 -9.93
CA ILE C 393 10.50 23.25 -10.22
C ILE C 393 10.17 22.04 -9.34
N MET C 394 9.91 22.28 -8.06
CA MET C 394 9.53 21.20 -7.15
C MET C 394 8.24 20.52 -7.62
N LEU C 395 7.25 21.32 -8.01
CA LEU C 395 5.98 20.77 -8.47
C LEU C 395 6.18 19.92 -9.73
N LEU C 396 6.99 20.41 -10.67
CA LEU C 396 7.24 19.65 -11.89
C LEU C 396 7.94 18.34 -11.60
N LEU C 397 8.96 18.36 -10.73
CA LEU C 397 9.64 17.11 -10.39
C LEU C 397 8.67 16.13 -9.71
N LEU C 398 7.89 16.64 -8.77
CA LEU C 398 6.99 15.81 -7.97
C LEU C 398 5.92 15.16 -8.85
N GLY C 399 5.42 15.90 -9.84
CA GLY C 399 4.43 15.33 -10.73
C GLY C 399 5.03 14.47 -11.81
N LEU C 400 6.24 14.83 -12.27
CA LEU C 400 6.90 14.08 -13.33
C LEU C 400 7.27 12.68 -12.88
N ASP C 401 7.74 12.53 -11.64
CA ASP C 401 8.10 11.18 -11.18
C ASP C 401 6.87 10.27 -11.16
N SER C 402 5.74 10.77 -10.63
CA SER C 402 4.52 9.98 -10.60
C SER C 402 4.02 9.71 -12.01
N GLN C 403 4.11 10.69 -12.91
CA GLN C 403 3.67 10.48 -14.29
C GLN C 403 4.54 9.42 -14.96
N PHE C 404 5.85 9.44 -14.71
CA PHE C 404 6.74 8.42 -15.24
C PHE C 404 6.32 7.04 -14.75
N VAL C 405 6.04 6.92 -13.45
CA VAL C 405 5.65 5.64 -12.89
C VAL C 405 4.35 5.15 -13.53
N GLU C 406 3.36 6.05 -13.64
CA GLU C 406 2.06 5.66 -14.19
C GLU C 406 2.18 5.25 -15.66
N VAL C 407 2.92 6.02 -16.46
CA VAL C 407 3.06 5.70 -17.87
C VAL C 407 3.82 4.39 -18.07
N GLU C 408 4.88 4.17 -17.27
CA GLU C 408 5.60 2.91 -17.35
C GLU C 408 4.70 1.74 -16.99
N GLY C 409 3.89 1.90 -15.94
CA GLY C 409 2.96 0.83 -15.57
C GLY C 409 1.94 0.55 -16.64
N GLN C 410 1.40 1.60 -17.27
CA GLN C 410 0.46 1.41 -18.37
C GLN C 410 1.12 0.69 -19.54
N ILE C 411 2.34 1.09 -19.89
CA ILE C 411 3.04 0.46 -21.01
C ILE C 411 3.26 -1.01 -20.72
N THR C 412 3.71 -1.34 -19.50
CA THR C 412 3.93 -2.75 -19.17
C THR C 412 2.63 -3.54 -19.18
N SER C 413 1.56 -2.98 -18.58
CA SER C 413 0.29 -3.68 -18.51
C SER C 413 -0.39 -3.82 -19.87
N LEU C 414 0.03 -3.04 -20.86
CA LEU C 414 -0.49 -3.21 -22.22
C LEU C 414 0.37 -4.09 -23.10
N VAL C 415 1.70 -4.04 -22.94
CA VAL C 415 2.56 -4.95 -23.71
C VAL C 415 2.43 -6.37 -23.20
N ASP C 416 2.13 -6.57 -21.91
CA ASP C 416 1.96 -7.94 -21.41
C ASP C 416 0.76 -8.64 -22.03
N LEU C 417 -0.19 -7.89 -22.59
CA LEU C 417 -1.34 -8.50 -23.24
C LEU C 417 -1.01 -9.05 -24.62
N TYR C 418 0.10 -8.61 -25.22
CA TYR C 418 0.52 -9.12 -26.52
C TYR C 418 2.03 -9.00 -26.67
N PRO C 419 2.83 -9.71 -25.86
CA PRO C 419 4.29 -9.60 -25.99
C PRO C 419 4.83 -10.04 -27.33
N SER C 420 4.16 -11.00 -27.99
CA SER C 420 4.64 -11.49 -29.27
C SER C 420 4.64 -10.39 -30.33
N PHE C 421 3.60 -9.56 -30.34
CA PHE C 421 3.49 -8.49 -31.33
C PHE C 421 4.11 -7.18 -30.86
N LEU C 422 3.93 -6.84 -29.58
CA LEU C 422 4.39 -5.56 -29.07
C LEU C 422 5.80 -5.58 -28.50
N ARG C 423 6.43 -6.76 -28.40
CA ARG C 423 7.79 -6.85 -27.91
C ARG C 423 8.69 -7.73 -28.76
N LYS C 424 8.16 -8.44 -29.74
CA LYS C 424 8.96 -9.25 -30.65
C LYS C 424 8.70 -8.93 -32.11
N GLY C 425 7.47 -8.59 -32.47
CA GLY C 425 7.15 -8.23 -33.84
C GLY C 425 7.37 -6.77 -34.13
N TYR C 426 7.43 -5.94 -33.08
CA TYR C 426 7.63 -4.51 -33.24
C TYR C 426 8.41 -3.98 -32.05
N ARG C 427 9.13 -2.88 -32.27
CA ARG C 427 9.90 -2.25 -31.20
C ARG C 427 8.97 -1.59 -30.19
N ARG C 428 9.39 -1.60 -28.92
CA ARG C 428 8.60 -0.96 -27.87
C ARG C 428 8.52 0.54 -28.05
N GLU C 429 9.53 1.14 -28.69
CA GLU C 429 9.57 2.58 -28.87
C GLU C 429 8.37 3.07 -29.66
N ILE C 430 7.98 2.33 -30.71
CA ILE C 430 6.84 2.73 -31.53
C ILE C 430 5.55 2.72 -30.70
N PHE C 431 5.36 1.67 -29.90
CA PHE C 431 4.17 1.59 -29.06
C PHE C 431 4.13 2.71 -28.02
N ILE C 432 5.28 3.01 -27.41
CA ILE C 432 5.33 4.10 -26.44
C ILE C 432 5.01 5.43 -27.12
N ALA C 433 5.54 5.65 -28.33
CA ALA C 433 5.24 6.86 -29.07
C ALA C 433 3.77 6.96 -29.40
N PHE C 434 3.16 5.84 -29.80
CA PHE C 434 1.72 5.82 -30.05
C PHE C 434 0.92 6.21 -28.81
N VAL C 435 1.27 5.62 -27.66
CA VAL C 435 0.53 5.91 -26.43
C VAL C 435 0.67 7.38 -26.07
N CYS C 436 1.91 7.90 -26.12
CA CYS C 436 2.15 9.28 -25.75
C CYS C 436 1.43 10.24 -26.70
N SER C 437 1.48 9.97 -28.01
CA SER C 437 0.84 10.84 -28.98
C SER C 437 -0.68 10.86 -28.79
N ILE C 438 -1.29 9.67 -28.64
CA ILE C 438 -2.73 9.62 -28.46
C ILE C 438 -3.14 10.33 -27.18
N SER C 439 -2.37 10.13 -26.10
CA SER C 439 -2.66 10.84 -24.86
C SER C 439 -2.51 12.35 -25.03
N TYR C 440 -1.52 12.78 -25.81
CA TYR C 440 -1.32 14.22 -26.03
C TYR C 440 -2.48 14.82 -26.80
N LEU C 441 -2.94 14.15 -27.86
CA LEU C 441 -4.10 14.66 -28.60
C LEU C 441 -5.36 14.65 -27.73
N LEU C 442 -5.52 13.64 -26.87
CA LEU C 442 -6.66 13.64 -25.97
C LEU C 442 -6.57 14.78 -24.95
N GLY C 443 -5.36 15.04 -24.44
CA GLY C 443 -5.16 16.10 -23.47
C GLY C 443 -5.28 17.50 -24.06
N LEU C 444 -5.12 17.63 -25.37
CA LEU C 444 -5.35 18.93 -26.02
C LEU C 444 -6.76 19.45 -25.76
N THR C 445 -7.71 18.55 -25.49
CA THR C 445 -9.08 18.97 -25.22
C THR C 445 -9.20 19.80 -23.95
N MET C 446 -8.26 19.66 -23.01
CA MET C 446 -8.26 20.44 -21.78
C MET C 446 -7.35 21.65 -21.85
N VAL C 447 -6.80 21.96 -23.03
CA VAL C 447 -5.97 23.14 -23.22
C VAL C 447 -6.76 24.31 -23.78
N THR C 448 -7.89 24.06 -24.44
CA THR C 448 -8.71 25.13 -24.99
C THR C 448 -9.17 26.08 -23.89
N GLU C 449 -9.73 27.21 -24.32
CA GLU C 449 -10.19 28.22 -23.36
C GLU C 449 -11.20 27.66 -22.38
N GLY C 450 -12.03 26.71 -22.82
CA GLY C 450 -12.95 26.03 -21.94
C GLY C 450 -12.41 24.72 -21.40
N GLY C 451 -11.09 24.55 -21.47
CA GLY C 451 -10.49 23.29 -21.05
C GLY C 451 -10.63 23.00 -19.57
N MET C 452 -10.79 24.05 -18.76
CA MET C 452 -10.90 23.86 -17.32
C MET C 452 -12.12 23.02 -16.96
N TYR C 453 -13.25 23.23 -17.63
CA TYR C 453 -14.44 22.45 -17.35
C TYR C 453 -14.23 20.97 -17.69
N VAL C 454 -13.57 20.71 -18.82
CA VAL C 454 -13.28 19.33 -19.20
C VAL C 454 -12.34 18.69 -18.20
N PHE C 455 -11.33 19.43 -17.74
CA PHE C 455 -10.41 18.90 -16.73
C PHE C 455 -11.15 18.59 -15.43
N GLN C 456 -12.06 19.48 -15.01
CA GLN C 456 -12.84 19.22 -13.81
C GLN C 456 -13.69 17.97 -13.94
N LEU C 457 -14.34 17.81 -15.11
CA LEU C 457 -15.14 16.61 -15.35
C LEU C 457 -14.28 15.35 -15.31
N PHE C 458 -13.10 15.42 -15.94
CA PHE C 458 -12.20 14.27 -15.96
C PHE C 458 -11.73 13.91 -14.55
N ASP C 459 -11.37 14.92 -13.76
CA ASP C 459 -10.93 14.67 -12.40
C ASP C 459 -12.06 14.07 -11.56
N TYR C 460 -13.29 14.57 -11.74
CA TYR C 460 -14.39 14.09 -10.90
C TYR C 460 -14.85 12.69 -11.29
N TYR C 461 -14.79 12.33 -12.57
CA TYR C 461 -15.37 11.06 -12.99
C TYR C 461 -14.38 10.04 -13.52
N ALA C 462 -13.41 10.45 -14.35
CA ALA C 462 -12.59 9.49 -15.08
C ALA C 462 -11.75 8.62 -14.14
N ALA C 463 -11.11 9.23 -13.15
CA ALA C 463 -10.18 8.49 -12.30
C ALA C 463 -10.44 8.74 -10.82
N SER C 464 -11.67 9.08 -10.47
CA SER C 464 -12.05 9.26 -9.08
C SER C 464 -13.57 9.07 -8.98
N GLY C 465 -14.06 9.04 -7.74
CA GLY C 465 -15.48 8.89 -7.52
C GLY C 465 -15.97 7.45 -7.45
N VAL C 466 -17.14 7.20 -8.03
CA VAL C 466 -17.81 5.91 -7.86
C VAL C 466 -16.99 4.76 -8.45
N CYS C 467 -16.14 5.03 -9.44
CA CYS C 467 -15.37 3.97 -10.06
C CYS C 467 -14.38 3.34 -9.07
N LEU C 468 -13.72 4.18 -8.26
CA LEU C 468 -12.78 3.66 -7.28
C LEU C 468 -13.51 2.83 -6.21
N LEU C 469 -14.69 3.29 -5.79
CA LEU C 469 -15.48 2.52 -4.85
C LEU C 469 -15.90 1.18 -5.45
N TRP C 470 -16.29 1.20 -6.73
CA TRP C 470 -16.64 -0.03 -7.44
C TRP C 470 -15.48 -1.02 -7.43
N VAL C 471 -14.29 -0.54 -7.80
CA VAL C 471 -13.13 -1.42 -7.90
C VAL C 471 -12.75 -1.96 -6.53
N ALA C 472 -12.73 -1.09 -5.51
CA ALA C 472 -12.36 -1.52 -4.17
C ALA C 472 -13.38 -2.53 -3.63
N PHE C 473 -14.66 -2.28 -3.84
CA PHE C 473 -15.68 -3.20 -3.36
C PHE C 473 -15.55 -4.56 -4.02
N PHE C 474 -15.37 -4.60 -5.34
CA PHE C 474 -15.23 -5.89 -5.99
C PHE C 474 -13.95 -6.60 -5.57
N GLU C 475 -12.85 -5.86 -5.40
CA GLU C 475 -11.63 -6.47 -4.92
C GLU C 475 -11.83 -7.13 -3.55
N CYS C 476 -12.38 -6.38 -2.60
CA CYS C 476 -12.51 -6.88 -1.24
C CYS C 476 -13.56 -7.98 -1.16
N PHE C 477 -14.68 -7.81 -1.86
CA PHE C 477 -15.70 -8.85 -1.92
C PHE C 477 -15.14 -10.15 -2.47
N VAL C 478 -14.44 -10.08 -3.62
CA VAL C 478 -13.90 -11.29 -4.20
C VAL C 478 -12.95 -11.96 -3.23
N ILE C 479 -11.98 -11.22 -2.71
CA ILE C 479 -10.93 -11.83 -1.91
C ILE C 479 -11.49 -12.38 -0.59
N ALA C 480 -12.40 -11.64 0.05
CA ALA C 480 -12.92 -12.08 1.34
C ALA C 480 -13.90 -13.24 1.20
N TRP C 481 -14.77 -13.20 0.19
CA TRP C 481 -15.90 -14.13 0.15
C TRP C 481 -15.79 -15.19 -0.95
N ILE C 482 -15.44 -14.81 -2.18
CA ILE C 482 -15.39 -15.78 -3.26
C ILE C 482 -14.12 -16.62 -3.17
N TYR C 483 -12.97 -15.96 -3.12
CA TYR C 483 -11.71 -16.67 -2.94
C TYR C 483 -11.60 -17.27 -1.54
N GLY C 484 -11.96 -16.49 -0.52
CA GLY C 484 -11.89 -16.97 0.85
C GLY C 484 -10.89 -16.22 1.70
N GLY C 485 -11.40 -15.63 2.79
CA GLY C 485 -10.52 -14.94 3.72
C GLY C 485 -9.52 -15.87 4.37
N ASN C 486 -9.94 -17.09 4.69
CA ASN C 486 -9.02 -18.08 5.27
C ASN C 486 -7.90 -18.41 4.29
N ARG C 487 -8.25 -18.63 3.02
CA ARG C 487 -7.24 -18.92 2.01
C ARG C 487 -6.28 -17.76 1.83
N PHE C 488 -6.82 -16.54 1.79
CA PHE C 488 -5.98 -15.36 1.63
C PHE C 488 -5.04 -15.19 2.83
N SER C 489 -5.55 -15.41 4.04
CA SER C 489 -4.71 -15.33 5.22
C SER C 489 -3.63 -16.39 5.20
N GLU C 490 -3.96 -17.60 4.75
CA GLU C 490 -2.96 -18.66 4.65
C GLU C 490 -1.86 -18.30 3.64
N ASP C 491 -2.25 -17.73 2.50
CA ASP C 491 -1.26 -17.29 1.53
C ASP C 491 -0.37 -16.19 2.10
N ILE C 492 -0.97 -15.24 2.81
CA ILE C 492 -0.19 -14.17 3.44
C ILE C 492 0.77 -14.75 4.48
N ARG C 493 0.30 -15.73 5.25
CA ARG C 493 1.17 -16.44 6.18
C ARG C 493 2.35 -17.07 5.44
N ASP C 494 2.07 -17.75 4.33
CA ASP C 494 3.13 -18.39 3.55
C ASP C 494 4.14 -17.37 3.03
N MET C 495 3.68 -16.16 2.70
CA MET C 495 4.57 -15.17 2.09
C MET C 495 5.37 -14.38 3.14
N ILE C 496 4.67 -13.69 4.05
CA ILE C 496 5.33 -12.79 4.99
C ILE C 496 5.48 -13.39 6.38
N GLY C 497 4.86 -14.53 6.67
CA GLY C 497 5.10 -15.26 7.90
C GLY C 497 4.06 -15.12 8.98
N PHE C 498 3.16 -14.14 8.90
CA PHE C 498 2.14 -13.96 9.91
C PHE C 498 0.80 -13.63 9.26
N PRO C 499 -0.31 -13.98 9.90
CA PRO C 499 -1.63 -13.71 9.31
C PRO C 499 -1.96 -12.23 9.36
N PRO C 500 -2.90 -11.77 8.54
CA PRO C 500 -3.24 -10.34 8.53
C PRO C 500 -3.73 -9.82 9.87
N GLY C 501 -4.45 -10.65 10.62
CA GLY C 501 -5.02 -10.24 11.88
C GLY C 501 -6.47 -9.84 11.74
N PRO C 502 -7.13 -9.60 12.88
CA PRO C 502 -8.56 -9.26 12.84
C PRO C 502 -8.86 -7.97 12.09
N TRP C 503 -7.96 -6.98 12.17
CA TRP C 503 -8.24 -5.68 11.56
C TRP C 503 -8.35 -5.79 10.05
N MET C 504 -7.36 -6.41 9.40
CA MET C 504 -7.42 -6.56 7.94
C MET C 504 -8.56 -7.48 7.52
N LYS C 505 -8.72 -8.54 8.19
CA LYS C 505 -9.71 -9.43 7.78
C LYS C 505 -11.05 -8.90 7.93
N TYR C 506 -11.48 -8.35 9.05
CA TYR C 506 -12.79 -7.73 9.21
C TYR C 506 -12.95 -6.51 8.31
N SER C 507 -11.88 -5.75 8.07
CA SER C 507 -11.99 -4.65 7.13
C SER C 507 -12.41 -5.16 5.76
N TRP C 508 -11.67 -6.14 5.22
CA TRP C 508 -11.97 -6.67 3.90
C TRP C 508 -13.35 -7.31 3.85
N ALA C 509 -13.72 -8.05 4.90
CA ALA C 509 -14.97 -8.79 4.87
C ALA C 509 -16.18 -7.88 4.97
N VAL C 510 -16.13 -6.87 5.84
CA VAL C 510 -17.31 -6.08 6.13
C VAL C 510 -17.09 -4.60 5.80
N ILE C 511 -16.04 -4.02 6.38
CA ILE C 511 -15.97 -2.57 6.52
C ILE C 511 -15.85 -1.90 5.16
N THR C 512 -14.90 -2.36 4.34
CA THR C 512 -14.76 -1.76 3.01
C THR C 512 -15.98 -1.99 2.14
N PRO C 513 -16.54 -3.21 2.01
CA PRO C 513 -17.77 -3.36 1.23
C PRO C 513 -18.92 -2.52 1.75
N VAL C 514 -19.09 -2.47 3.08
CA VAL C 514 -20.17 -1.67 3.66
C VAL C 514 -19.97 -0.20 3.34
N LEU C 515 -18.74 0.30 3.51
CA LEU C 515 -18.48 1.72 3.25
C LEU C 515 -18.72 2.05 1.78
N CYS C 516 -18.21 1.22 0.87
CA CYS C 516 -18.36 1.51 -0.56
C CYS C 516 -19.82 1.47 -0.98
N VAL C 517 -20.55 0.42 -0.56
CA VAL C 517 -21.95 0.30 -0.95
C VAL C 517 -22.78 1.41 -0.33
N GLY C 518 -22.50 1.75 0.94
CA GLY C 518 -23.22 2.84 1.58
C GLY C 518 -23.01 4.16 0.88
N CYS C 519 -21.75 4.46 0.52
CA CYS C 519 -21.49 5.71 -0.20
C CYS C 519 -22.17 5.72 -1.57
N PHE C 520 -22.12 4.60 -2.29
CA PHE C 520 -22.74 4.55 -3.61
C PHE C 520 -24.25 4.75 -3.53
N ILE C 521 -24.89 4.05 -2.59
CA ILE C 521 -26.34 4.15 -2.46
C ILE C 521 -26.74 5.52 -1.94
N PHE C 522 -25.97 6.08 -0.99
CA PHE C 522 -26.27 7.41 -0.47
C PHE C 522 -26.12 8.46 -1.56
N SER C 523 -25.11 8.29 -2.42
CA SER C 523 -24.96 9.19 -3.57
C SER C 523 -26.15 9.10 -4.50
N LEU C 524 -26.63 7.88 -4.79
CA LEU C 524 -27.74 7.76 -5.72
C LEU C 524 -29.05 8.28 -5.11
N VAL C 525 -29.24 8.08 -3.81
CA VAL C 525 -30.46 8.53 -3.15
C VAL C 525 -30.48 10.05 -3.03
N LYS C 526 -29.36 10.63 -2.60
CA LYS C 526 -29.26 12.08 -2.36
C LYS C 526 -28.47 12.77 -3.47
N TYR C 527 -28.71 12.37 -4.72
CA TYR C 527 -27.92 12.82 -5.84
C TYR C 527 -27.91 14.34 -5.96
N VAL C 528 -26.72 14.89 -6.17
CA VAL C 528 -26.54 16.32 -6.45
C VAL C 528 -25.60 16.43 -7.65
N PRO C 529 -25.92 17.26 -8.64
CA PRO C 529 -25.09 17.32 -9.84
C PRO C 529 -23.75 18.00 -9.57
N LEU C 530 -22.78 17.67 -10.42
CA LEU C 530 -21.47 18.29 -10.35
C LEU C 530 -21.53 19.74 -10.82
N THR C 531 -20.71 20.59 -10.18
CA THR C 531 -20.64 22.00 -10.54
C THR C 531 -19.18 22.44 -10.50
N TYR C 532 -18.77 23.20 -11.52
CA TYR C 532 -17.45 23.81 -11.52
C TYR C 532 -17.44 24.99 -10.56
N ASN C 533 -16.36 25.10 -9.79
CA ASN C 533 -16.29 26.05 -8.68
C ASN C 533 -17.49 25.81 -7.76
N LYS C 534 -18.32 26.82 -7.56
CA LYS C 534 -19.58 26.61 -6.85
C LYS C 534 -20.73 27.40 -7.47
N THR C 535 -20.61 27.81 -8.74
CA THR C 535 -21.66 28.58 -9.41
C THR C 535 -22.02 28.09 -10.81
N TYR C 536 -21.12 27.38 -11.50
CA TYR C 536 -21.36 26.95 -12.87
C TYR C 536 -22.02 25.57 -12.84
N VAL C 537 -23.18 25.47 -13.48
CA VAL C 537 -23.92 24.21 -13.57
C VAL C 537 -23.61 23.57 -14.92
N TYR C 538 -23.14 22.32 -14.88
CA TYR C 538 -22.81 21.62 -16.10
C TYR C 538 -24.07 21.26 -16.88
N PRO C 539 -24.00 21.23 -18.21
CA PRO C 539 -25.13 20.74 -19.00
C PRO C 539 -25.30 19.24 -18.86
N ASN C 540 -26.50 18.77 -19.24
CA ASN C 540 -26.82 17.36 -19.10
C ASN C 540 -25.89 16.49 -19.93
N TRP C 541 -25.51 16.95 -21.13
CA TRP C 541 -24.62 16.17 -21.98
C TRP C 541 -23.22 16.04 -21.35
N ALA C 542 -22.76 17.09 -20.67
CA ALA C 542 -21.48 17.00 -19.97
C ALA C 542 -21.53 15.99 -18.83
N ILE C 543 -22.64 15.97 -18.09
CA ILE C 543 -22.82 14.97 -17.03
C ILE C 543 -22.86 13.57 -17.63
N GLY C 544 -23.54 13.42 -18.76
CA GLY C 544 -23.55 12.13 -19.45
C GLY C 544 -22.17 11.70 -19.89
N LEU C 545 -21.35 12.65 -20.37
CA LEU C 545 -19.98 12.34 -20.75
C LEU C 545 -19.15 11.92 -19.54
N GLY C 546 -19.32 12.60 -18.41
CA GLY C 546 -18.62 12.20 -17.20
C GLY C 546 -19.00 10.80 -16.74
N TRP C 547 -20.31 10.51 -16.74
CA TRP C 547 -20.74 9.16 -16.41
C TRP C 547 -20.28 8.14 -17.43
N SER C 548 -20.12 8.54 -18.69
CA SER C 548 -19.51 7.65 -19.68
C SER C 548 -18.06 7.35 -19.33
N LEU C 549 -17.32 8.37 -18.89
CA LEU C 549 -15.94 8.15 -18.46
C LEU C 549 -15.87 7.19 -17.28
N ALA C 550 -16.77 7.36 -16.31
CA ALA C 550 -16.77 6.48 -15.15
C ALA C 550 -17.18 5.05 -15.55
N LEU C 551 -18.20 4.92 -16.40
CA LEU C 551 -18.68 3.61 -16.81
C LEU C 551 -17.69 2.90 -17.72
N SER C 552 -16.83 3.64 -18.43
CA SER C 552 -15.79 2.99 -19.23
C SER C 552 -14.89 2.11 -18.36
N SER C 553 -14.76 2.45 -17.07
CA SER C 553 -14.04 1.62 -16.13
C SER C 553 -14.95 0.66 -15.38
N MET C 554 -16.14 1.13 -14.99
CA MET C 554 -17.04 0.28 -14.19
C MET C 554 -17.53 -0.94 -14.97
N LEU C 555 -17.87 -0.75 -16.26
CA LEU C 555 -18.48 -1.80 -17.06
C LEU C 555 -17.52 -2.93 -17.40
N CYS C 556 -16.22 -2.78 -17.15
CA CYS C 556 -15.27 -3.81 -17.53
C CYS C 556 -15.57 -5.13 -16.83
N VAL C 557 -15.88 -5.09 -15.53
CA VAL C 557 -16.12 -6.33 -14.80
C VAL C 557 -17.32 -7.11 -15.32
N PRO C 558 -18.52 -6.51 -15.47
CA PRO C 558 -19.62 -7.29 -16.06
C PRO C 558 -19.34 -7.79 -17.46
N LEU C 559 -18.70 -6.96 -18.30
CA LEU C 559 -18.41 -7.37 -19.67
C LEU C 559 -17.46 -8.55 -19.70
N VAL C 560 -16.39 -8.50 -18.91
CA VAL C 560 -15.44 -9.60 -18.86
C VAL C 560 -16.09 -10.85 -18.28
N ILE C 561 -16.95 -10.68 -17.25
CA ILE C 561 -17.65 -11.83 -16.68
C ILE C 561 -18.49 -12.53 -17.74
N VAL C 562 -19.28 -11.76 -18.47
CA VAL C 562 -20.17 -12.34 -19.47
C VAL C 562 -19.37 -12.94 -20.62
N ILE C 563 -18.31 -12.27 -21.05
CA ILE C 563 -17.50 -12.76 -22.16
C ILE C 563 -16.82 -14.08 -21.79
N ARG C 564 -16.25 -14.16 -20.59
CA ARG C 564 -15.61 -15.40 -20.17
C ARG C 564 -16.62 -16.51 -19.92
N LEU C 565 -17.83 -16.16 -19.45
CA LEU C 565 -18.88 -17.17 -19.33
C LEU C 565 -19.26 -17.72 -20.69
N CYS C 566 -19.39 -16.85 -21.70
CA CYS C 566 -19.75 -17.32 -23.04
C CYS C 566 -18.62 -18.12 -23.67
N GLN C 567 -17.37 -17.69 -23.50
CA GLN C 567 -16.24 -18.32 -24.17
C GLN C 567 -15.86 -19.66 -23.56
N THR C 568 -16.42 -20.03 -22.41
CA THR C 568 -16.08 -21.28 -21.74
C THR C 568 -17.17 -22.32 -22.03
N GLU C 569 -16.74 -23.53 -22.39
CA GLU C 569 -17.68 -24.59 -22.71
C GLU C 569 -18.27 -25.19 -21.44
N GLY C 570 -19.31 -26.01 -21.63
CA GLY C 570 -19.95 -26.69 -20.53
C GLY C 570 -21.25 -26.04 -20.12
N PRO C 571 -21.98 -26.70 -19.21
CA PRO C 571 -23.23 -26.11 -18.71
C PRO C 571 -22.96 -24.83 -17.92
N PHE C 572 -24.03 -24.03 -17.79
CA PHE C 572 -23.91 -22.73 -17.12
C PHE C 572 -23.42 -22.88 -15.69
N LEU C 573 -24.00 -23.84 -14.95
CA LEU C 573 -23.53 -24.09 -13.59
C LEU C 573 -22.07 -24.52 -13.58
N VAL C 574 -21.71 -25.43 -14.49
CA VAL C 574 -20.32 -25.87 -14.60
C VAL C 574 -19.45 -24.71 -15.06
N ARG C 575 -19.97 -23.87 -15.96
CA ARG C 575 -19.22 -22.71 -16.42
C ARG C 575 -18.83 -21.82 -15.26
N VAL C 576 -19.81 -21.43 -14.43
CA VAL C 576 -19.54 -20.56 -13.29
C VAL C 576 -18.63 -21.25 -12.29
N LYS C 577 -18.90 -22.52 -11.99
CA LYS C 577 -18.11 -23.23 -10.98
C LYS C 577 -16.65 -23.34 -11.39
N TYR C 578 -16.38 -23.66 -12.66
CA TYR C 578 -15.00 -23.75 -13.12
C TYR C 578 -14.35 -22.37 -13.15
N LEU C 579 -15.06 -21.36 -13.66
CA LEU C 579 -14.46 -20.03 -13.73
C LEU C 579 -14.26 -19.40 -12.36
N LEU C 580 -14.85 -19.95 -11.30
CA LEU C 580 -14.56 -19.50 -9.95
C LEU C 580 -13.36 -20.21 -9.32
N THR C 581 -12.84 -21.26 -9.94
CA THR C 581 -11.73 -22.02 -9.36
C THR C 581 -10.42 -21.28 -9.55
N PRO C 582 -9.60 -21.14 -8.51
CA PRO C 582 -8.28 -20.55 -8.67
C PRO C 582 -7.36 -21.43 -9.53
N ARG C 583 -6.18 -20.89 -9.81
CA ARG C 583 -5.18 -21.59 -10.61
C ARG C 583 -3.86 -21.62 -9.86
N GLU C 584 -3.14 -22.73 -10.01
CA GLU C 584 -1.83 -22.93 -9.38
C GLU C 584 -1.89 -22.74 -7.86
CL CL D . -4.04 12.30 0.32
C01 A1EBD E . -2.15 8.31 -6.84
C02 A1EBD E . -2.90 7.46 -7.83
C04 A1EBD E . -2.38 9.42 -9.21
C05 A1EBD E . -0.97 9.04 -8.86
C06 A1EBD E . -0.97 8.95 -7.40
N03 A1EBD E . -3.37 8.35 -8.89
O08 A1EBD E . 0.73 11.32 -7.26
O09 A1EBD E . -0.25 10.53 -4.95
O10 A1EBD E . -1.82 11.67 -6.74
S07 A1EBD E . -0.59 10.62 -6.56
#